data_5B6D
#
_entry.id   5B6D
#
_cell.length_a   109.601
_cell.length_b   109.601
_cell.length_c   113.432
_cell.angle_alpha   90.000
_cell.angle_beta   90.000
_cell.angle_gamma   120.000
#
_symmetry.space_group_name_H-M   'P 32 2 1'
#
loop_
_entity.id
_entity.type
_entity.pdbx_description
1 polymer 'CMP 5-hydroxymethylase'
2 non-polymer "CYTIDINE-5'-MONOPHOSPHATE"
3 water water
#
_entity_poly.entity_id   1
_entity_poly.type   'polypeptide(L)'
_entity_poly.pdbx_seq_one_letter_code
;TFGTFQDAYLSQLRDIYHSPEFRNAPRGQASRERIGAGFRLLDPVQRHISVPARRANVVFNFAEALWYLSGSDRLDFIQY
YAPGIAAYSADGRTLRGTAYGPRIFRHPAGGVNQWENVVKTLTDDPDSKRAVIQIFDPRELAVADNIDVACTLALQFLIR
DGLLCGIGYMRANDAFRGAVSDVFSFTFLQEFTARYLGLGIGTYHHVVGSVHIYDSDARWAERVLDAATPDGGPRPGFPA
MPDGDNWPHVRRVLEWEERLRTNAARLSADALDALDLPAYWKHVVALFEAHRQVRHEDTPDRALLAALPEVYRQSLAVKW
PGHFG
;
_entity_poly.pdbx_strand_id   A,B
#
loop_
_chem_comp.id
_chem_comp.type
_chem_comp.name
_chem_comp.formula
C5P non-polymer CYTIDINE-5'-MONOPHOSPHATE 'C9 H14 N3 O8 P'
#
# COMPACT_ATOMS: atom_id res chain seq x y z
N THR A 1 13.95 6.47 11.03
CA THR A 1 14.36 7.64 10.24
C THR A 1 15.86 7.65 9.95
N PHE A 2 16.21 7.84 8.69
CA PHE A 2 17.60 7.88 8.26
C PHE A 2 17.83 9.12 7.39
N GLY A 3 19.09 9.56 7.36
CA GLY A 3 19.43 10.71 6.54
C GLY A 3 19.48 10.33 5.07
N THR A 4 20.23 9.27 4.75
CA THR A 4 20.42 8.81 3.39
C THR A 4 19.92 7.39 3.24
N PHE A 5 19.73 6.98 1.98
CA PHE A 5 19.28 5.62 1.72
C PHE A 5 20.31 4.60 2.18
N GLN A 6 21.60 4.87 2.02
CA GLN A 6 22.60 3.86 2.39
C GLN A 6 22.49 3.49 3.87
N ASP A 7 22.26 4.47 4.76
CA ASP A 7 22.10 4.14 6.18
C ASP A 7 20.88 3.26 6.40
N ALA A 8 19.76 3.57 5.74
CA ALA A 8 18.57 2.76 5.88
C ALA A 8 18.78 1.37 5.31
N TYR A 9 19.43 1.31 4.13
CA TYR A 9 19.68 0.03 3.46
C TYR A 9 20.49 -0.91 4.34
N LEU A 10 21.60 -0.41 4.90
CA LEU A 10 22.47 -1.26 5.71
C LEU A 10 21.81 -1.64 7.02
N SER A 11 21.04 -0.73 7.62
CA SER A 11 20.33 -1.05 8.84
C SER A 11 19.32 -2.16 8.61
N GLN A 12 18.51 -2.02 7.56
CA GLN A 12 17.50 -3.04 7.28
C GLN A 12 18.15 -4.37 6.92
N LEU A 13 19.24 -4.32 6.15
CA LEU A 13 19.89 -5.56 5.75
C LEU A 13 20.40 -6.31 6.99
N ARG A 14 20.98 -5.57 7.93
CA ARG A 14 21.44 -6.18 9.17
C ARG A 14 20.29 -6.80 9.97
N ASP A 15 19.16 -6.10 10.05
CA ASP A 15 18.00 -6.60 10.78
C ASP A 15 17.53 -7.94 10.23
N ILE A 16 17.42 -8.04 8.90
CA ILE A 16 16.88 -9.25 8.30
C ILE A 16 17.88 -10.38 8.35
N TYR A 17 19.17 -10.06 8.13
CA TYR A 17 20.17 -11.12 8.11
C TYR A 17 20.32 -11.74 9.50
N HIS A 18 20.46 -10.90 10.53
CA HIS A 18 20.79 -11.39 11.87
C HIS A 18 19.58 -11.63 12.74
N SER A 19 18.44 -10.99 12.47
CA SER A 19 17.23 -11.14 13.28
C SER A 19 16.00 -11.32 12.41
N PRO A 20 15.99 -12.33 11.55
CA PRO A 20 14.77 -12.59 10.77
C PRO A 20 13.65 -13.06 11.68
N GLU A 21 12.43 -12.72 11.27
CA GLU A 21 11.24 -13.20 11.98
C GLU A 21 10.85 -14.59 11.49
N PHE A 22 11.00 -14.84 10.20
CA PHE A 22 10.61 -16.10 9.60
C PHE A 22 11.67 -16.58 8.63
N ARG A 23 11.71 -17.89 8.44
CA ARG A 23 12.45 -18.55 7.37
C ARG A 23 11.43 -19.38 6.60
N ASN A 24 11.32 -19.13 5.30
CA ASN A 24 10.33 -19.83 4.48
C ASN A 24 10.81 -19.82 3.03
N ALA A 25 9.98 -20.30 2.11
CA ALA A 25 10.37 -20.46 0.71
C ALA A 25 9.19 -20.20 -0.21
N PRO A 26 8.81 -18.93 -0.36
CA PRO A 26 7.75 -18.59 -1.32
C PRO A 26 8.14 -18.99 -2.73
N ARG A 27 7.24 -19.70 -3.42
CA ARG A 27 7.51 -20.19 -4.77
C ARG A 27 8.84 -20.95 -4.82
N GLY A 28 9.21 -21.58 -3.70
CA GLY A 28 10.41 -22.39 -3.62
C GLY A 28 11.70 -21.64 -3.37
N GLN A 29 11.66 -20.33 -3.10
CA GLN A 29 12.87 -19.51 -2.95
C GLN A 29 13.14 -19.32 -1.46
N ALA A 30 14.01 -20.16 -0.89
CA ALA A 30 14.31 -20.10 0.55
C ALA A 30 14.83 -18.71 0.93
N SER A 31 14.31 -18.17 2.04
CA SER A 31 14.53 -16.76 2.40
C SER A 31 14.56 -16.58 3.91
N ARG A 32 15.22 -15.50 4.35
CA ARG A 32 15.04 -14.88 5.67
C ARG A 32 14.08 -13.70 5.49
N GLU A 33 13.15 -13.50 6.43
CA GLU A 33 12.09 -12.51 6.19
C GLU A 33 11.70 -11.78 7.47
N ARG A 34 11.29 -10.51 7.31
CA ARG A 34 10.55 -9.76 8.32
C ARG A 34 9.31 -9.17 7.67
N ILE A 35 8.25 -9.02 8.46
CA ILE A 35 6.95 -8.59 7.97
C ILE A 35 6.68 -7.18 8.46
N GLY A 36 6.15 -6.35 7.58
CA GLY A 36 5.72 -5.03 7.99
C GLY A 36 6.88 -4.13 8.34
N ALA A 37 7.75 -3.86 7.36
CA ALA A 37 8.98 -3.13 7.59
C ALA A 37 9.03 -1.90 6.71
N GLY A 38 9.61 -0.84 7.26
CA GLY A 38 9.77 0.35 6.46
C GLY A 38 10.86 1.24 7.01
N PHE A 39 11.00 2.40 6.37
CA PHE A 39 11.94 3.41 6.82
C PHE A 39 11.56 4.74 6.18
N ARG A 40 12.09 5.81 6.75
CA ARG A 40 11.89 7.17 6.26
C ARG A 40 13.26 7.72 5.90
N LEU A 41 13.33 8.42 4.77
CA LEU A 41 14.55 9.09 4.32
C LEU A 41 14.34 10.60 4.34
N LEU A 42 15.22 11.30 5.04
CA LEU A 42 15.10 12.75 5.10
C LEU A 42 15.61 13.42 3.83
N ASP A 43 16.54 12.78 3.10
CA ASP A 43 17.15 13.34 1.90
C ASP A 43 17.10 12.32 0.79
N PRO A 44 15.97 12.22 0.09
CA PRO A 44 15.81 11.18 -0.94
C PRO A 44 16.73 11.32 -2.12
N VAL A 45 17.32 12.49 -2.37
CA VAL A 45 18.21 12.61 -3.52
C VAL A 45 19.48 11.79 -3.30
N GLN A 46 19.86 11.60 -2.04
CA GLN A 46 21.01 10.78 -1.68
C GLN A 46 20.59 9.30 -1.69
N ARG A 47 20.41 8.79 -2.90
CA ARG A 47 19.68 7.55 -3.13
C ARG A 47 20.58 6.37 -3.49
N HIS A 48 21.90 6.55 -3.49
CA HIS A 48 22.85 5.60 -4.04
C HIS A 48 23.52 4.77 -2.95
N ILE A 49 23.97 3.57 -3.31
CA ILE A 49 24.74 2.71 -2.41
C ILE A 49 26.18 2.69 -2.92
N SER A 50 27.12 3.07 -2.06
CA SER A 50 28.51 3.18 -2.48
C SER A 50 29.43 2.16 -1.80
N VAL A 51 28.91 1.29 -0.94
CA VAL A 51 29.73 0.24 -0.32
C VAL A 51 30.37 -0.61 -1.41
N PRO A 52 31.70 -0.63 -1.52
CA PRO A 52 32.33 -1.30 -2.67
C PRO A 52 31.96 -2.77 -2.80
N ALA A 53 31.87 -3.49 -1.68
CA ALA A 53 31.47 -4.90 -1.73
C ALA A 53 30.08 -5.08 -2.34
N ARG A 54 29.21 -4.07 -2.33
CA ARG A 54 27.90 -4.26 -2.94
C ARG A 54 27.94 -4.13 -4.46
N ARG A 55 28.94 -3.43 -5.01
CA ARG A 55 29.06 -3.23 -6.46
C ARG A 55 27.76 -2.72 -7.08
N ALA A 56 27.13 -1.74 -6.41
CA ALA A 56 25.94 -1.12 -6.96
C ALA A 56 26.24 -0.52 -8.34
N ASN A 57 25.29 -0.66 -9.25
CA ASN A 57 25.48 -0.32 -10.67
C ASN A 57 24.67 0.94 -10.98
N VAL A 58 25.31 2.10 -10.97
CA VAL A 58 24.57 3.33 -11.19
C VAL A 58 24.02 3.41 -12.62
N VAL A 59 24.66 2.73 -13.57
CA VAL A 59 24.13 2.75 -14.94
C VAL A 59 22.79 2.03 -14.99
N PHE A 60 22.71 0.83 -14.41
CA PHE A 60 21.42 0.16 -14.33
C PHE A 60 20.40 1.00 -13.57
N ASN A 61 20.83 1.70 -12.51
CA ASN A 61 19.86 2.45 -11.72
C ASN A 61 19.19 3.53 -12.56
N PHE A 62 19.98 4.29 -13.32
CA PHE A 62 19.39 5.29 -14.19
C PHE A 62 18.62 4.65 -15.33
N ALA A 63 19.14 3.54 -15.89
CA ALA A 63 18.45 2.86 -16.97
C ALA A 63 17.04 2.42 -16.54
N GLU A 64 16.94 1.80 -15.36
CA GLU A 64 15.63 1.36 -14.88
C GLU A 64 14.68 2.54 -14.70
N ALA A 65 15.16 3.63 -14.10
CA ALA A 65 14.29 4.79 -13.89
C ALA A 65 13.84 5.38 -15.21
N LEU A 66 14.74 5.45 -16.20
CA LEU A 66 14.35 6.00 -17.48
C LEU A 66 13.49 5.04 -18.29
N TRP A 67 13.69 3.73 -18.09
CA TRP A 67 12.79 2.74 -18.67
C TRP A 67 11.36 2.97 -18.20
N TYR A 68 11.17 3.21 -16.90
CA TYR A 68 9.85 3.57 -16.38
C TYR A 68 9.31 4.84 -17.03
N LEU A 69 10.13 5.92 -17.08
CA LEU A 69 9.65 7.17 -17.64
C LEU A 69 9.31 7.01 -19.12
N SER A 70 9.94 6.06 -19.81
CA SER A 70 9.62 5.84 -21.20
C SER A 70 8.30 5.12 -21.40
N GLY A 71 7.70 4.56 -20.34
CA GLY A 71 6.44 3.86 -20.45
C GLY A 71 6.53 2.49 -21.09
N SER A 72 7.73 1.94 -21.21
CA SER A 72 7.97 0.74 -22.00
C SER A 72 7.89 -0.52 -21.15
N ASP A 73 7.45 -1.61 -21.79
CA ASP A 73 7.53 -2.94 -21.18
C ASP A 73 8.53 -3.84 -21.89
N ARG A 74 9.36 -3.28 -22.78
CA ARG A 74 10.22 -4.08 -23.63
C ARG A 74 11.42 -4.64 -22.87
N LEU A 75 11.64 -5.93 -23.02
CA LEU A 75 12.76 -6.59 -22.36
C LEU A 75 14.10 -6.15 -22.93
N ASP A 76 14.17 -5.87 -24.24
CA ASP A 76 15.48 -5.66 -24.84
C ASP A 76 16.19 -4.47 -24.23
N PHE A 77 15.44 -3.45 -23.89
CA PHE A 77 15.99 -2.26 -23.25
C PHE A 77 16.60 -2.53 -21.89
N ILE A 78 15.88 -3.24 -21.03
CA ILE A 78 16.36 -3.35 -19.65
C ILE A 78 17.31 -4.53 -19.44
N GLN A 79 17.14 -5.63 -20.18
CA GLN A 79 18.06 -6.75 -20.00
C GLN A 79 19.47 -6.43 -20.47
N TYR A 80 19.61 -5.41 -21.33
CA TYR A 80 20.95 -4.93 -21.70
C TYR A 80 21.73 -4.47 -20.46
N TYR A 81 21.05 -3.90 -19.46
CA TYR A 81 21.70 -3.44 -18.24
C TYR A 81 21.67 -4.48 -17.13
N ALA A 82 20.73 -5.41 -17.17
CA ALA A 82 20.54 -6.41 -16.14
C ALA A 82 20.14 -7.70 -16.82
N PRO A 83 21.11 -8.48 -17.31
CA PRO A 83 20.77 -9.69 -18.08
C PRO A 83 19.90 -10.67 -17.33
N GLY A 84 19.99 -10.73 -16.00
CA GLY A 84 19.18 -11.67 -15.25
C GLY A 84 17.70 -11.36 -15.22
N ILE A 85 17.31 -10.14 -15.62
CA ILE A 85 15.89 -9.80 -15.63
C ILE A 85 15.14 -10.59 -16.67
N ALA A 86 15.85 -11.19 -17.63
CA ALA A 86 15.21 -12.07 -18.61
C ALA A 86 14.50 -13.25 -17.95
N ALA A 87 14.91 -13.61 -16.73
CA ALA A 87 14.26 -14.72 -16.03
C ALA A 87 12.79 -14.46 -15.75
N TYR A 88 12.36 -13.20 -15.79
CA TYR A 88 10.98 -12.85 -15.46
C TYR A 88 10.14 -12.53 -16.69
N SER A 89 10.69 -12.76 -17.89
CA SER A 89 9.96 -12.57 -19.14
C SER A 89 9.43 -13.91 -19.63
N ALA A 90 8.10 -14.04 -19.73
CA ALA A 90 7.50 -15.25 -20.25
C ALA A 90 7.59 -15.35 -21.77
N ASP A 91 7.68 -14.22 -22.48
CA ASP A 91 7.65 -14.22 -23.94
C ASP A 91 9.00 -13.86 -24.58
N GLY A 92 10.04 -13.59 -23.78
CA GLY A 92 11.30 -13.16 -24.33
C GLY A 92 11.28 -11.82 -25.01
N ARG A 93 10.23 -11.02 -24.80
CA ARG A 93 10.08 -9.74 -25.50
C ARG A 93 9.66 -8.64 -24.55
N THR A 94 8.87 -9.01 -23.53
CA THR A 94 8.28 -8.03 -22.62
C THR A 94 8.37 -8.53 -21.19
N LEU A 95 8.14 -7.62 -20.27
CA LEU A 95 8.08 -7.90 -18.86
C LEU A 95 6.69 -7.44 -18.46
N ARG A 96 6.12 -8.07 -17.45
CA ARG A 96 4.80 -7.71 -17.00
C ARG A 96 4.85 -6.96 -15.68
N GLY A 97 4.84 -7.68 -14.58
CA GLY A 97 4.86 -7.08 -13.27
C GLY A 97 6.10 -6.24 -12.99
N THR A 98 7.17 -6.55 -13.65
CA THR A 98 8.41 -5.82 -13.47
C THR A 98 8.38 -4.49 -14.20
N ALA A 99 7.51 -4.34 -15.19
CA ALA A 99 7.50 -3.15 -16.04
C ALA A 99 6.56 -2.10 -15.46
N TYR A 100 7.10 -1.24 -14.61
CA TYR A 100 6.27 -0.22 -13.99
C TYR A 100 5.94 0.93 -14.94
N GLY A 101 6.69 1.10 -16.03
CA GLY A 101 6.42 2.15 -16.99
C GLY A 101 4.98 2.18 -17.46
N PRO A 102 4.49 1.08 -18.01
CA PRO A 102 3.08 1.06 -18.46
C PRO A 102 2.12 1.20 -17.30
N ARG A 103 2.46 0.68 -16.11
CA ARG A 103 1.57 0.86 -14.96
C ARG A 103 1.39 2.32 -14.63
N ILE A 104 2.46 3.11 -14.77
CA ILE A 104 2.40 4.53 -14.42
C ILE A 104 1.65 5.32 -15.48
N PHE A 105 1.97 5.08 -16.77
CA PHE A 105 1.55 5.98 -17.84
C PHE A 105 0.43 5.45 -18.71
N ARG A 106 0.11 4.15 -18.65
CA ARG A 106 -1.02 3.62 -19.39
C ARG A 106 -1.52 2.37 -18.67
N HIS A 107 -2.09 2.57 -17.49
CA HIS A 107 -2.31 1.44 -16.59
C HIS A 107 -3.29 0.44 -17.20
N PRO A 108 -3.08 -0.85 -17.02
CA PRO A 108 -4.03 -1.86 -17.55
C PRO A 108 -5.48 -1.58 -17.22
N ALA A 109 -5.76 -0.93 -16.11
CA ALA A 109 -7.14 -0.55 -15.79
C ALA A 109 -7.47 0.74 -16.53
N GLY A 110 -7.97 0.60 -17.76
CA GLY A 110 -8.46 1.73 -18.53
C GLY A 110 -7.45 2.45 -19.40
N GLY A 111 -6.16 2.09 -19.33
CA GLY A 111 -5.15 2.81 -20.10
C GLY A 111 -4.80 4.18 -19.55
N VAL A 112 -5.01 4.41 -18.27
CA VAL A 112 -4.93 5.74 -17.69
C VAL A 112 -3.48 6.17 -17.49
N ASN A 113 -3.20 7.43 -17.80
CA ASN A 113 -1.92 8.07 -17.48
C ASN A 113 -2.05 8.64 -16.08
N GLN A 114 -1.56 7.88 -15.10
CA GLN A 114 -1.72 8.25 -13.70
C GLN A 114 -0.78 9.38 -13.30
N TRP A 115 0.39 9.46 -13.93
CA TRP A 115 1.29 10.57 -13.60
C TRP A 115 0.62 11.91 -13.92
N GLU A 116 0.02 12.01 -15.10
CA GLU A 116 -0.70 13.23 -15.46
C GLU A 116 -1.84 13.51 -14.50
N ASN A 117 -2.58 12.48 -14.09
CA ASN A 117 -3.69 12.69 -13.18
C ASN A 117 -3.21 13.10 -11.80
N VAL A 118 -2.05 12.61 -11.35
CA VAL A 118 -1.51 13.03 -10.08
C VAL A 118 -1.10 14.50 -10.13
N VAL A 119 -0.46 14.91 -11.23
CA VAL A 119 -0.06 16.31 -11.36
C VAL A 119 -1.29 17.22 -11.38
N LYS A 120 -2.34 16.80 -12.09
CA LYS A 120 -3.55 17.61 -12.11
C LYS A 120 -4.21 17.63 -10.73
N THR A 121 -4.21 16.50 -10.04
CA THR A 121 -4.83 16.43 -8.70
C THR A 121 -4.12 17.36 -7.74
N LEU A 122 -2.78 17.39 -7.77
CA LEU A 122 -2.01 18.22 -6.85
C LEU A 122 -2.09 19.69 -7.24
N THR A 123 -2.21 19.98 -8.54
CA THR A 123 -2.35 21.38 -8.97
C THR A 123 -3.69 21.95 -8.52
N ASP A 124 -4.76 21.16 -8.60
CA ASP A 124 -6.08 21.63 -8.21
C ASP A 124 -6.27 21.66 -6.70
N ASP A 125 -5.67 20.72 -5.97
CA ASP A 125 -5.76 20.68 -4.51
C ASP A 125 -4.39 20.33 -3.96
N PRO A 126 -3.57 21.34 -3.67
CA PRO A 126 -2.20 21.04 -3.24
C PRO A 126 -2.11 20.16 -2.00
N ASP A 127 -3.09 20.25 -1.09
CA ASP A 127 -3.10 19.45 0.12
C ASP A 127 -3.63 18.02 -0.09
N SER A 128 -3.92 17.62 -1.33
CA SER A 128 -4.63 16.37 -1.59
C SER A 128 -3.98 15.16 -0.94
N LYS A 129 -4.83 14.27 -0.42
CA LYS A 129 -4.45 12.96 0.03
C LYS A 129 -4.69 11.89 -1.03
N ARG A 130 -5.07 12.28 -2.25
CA ARG A 130 -5.53 11.35 -3.27
C ARG A 130 -4.51 11.09 -4.36
N ALA A 131 -3.32 11.69 -4.29
CA ALA A 131 -2.41 11.68 -5.44
C ALA A 131 -1.59 10.40 -5.41
N VAL A 132 -2.20 9.34 -5.92
CA VAL A 132 -1.69 7.99 -5.84
C VAL A 132 -1.53 7.44 -7.23
N ILE A 133 -0.38 6.80 -7.49
CA ILE A 133 -0.16 6.03 -8.70
C ILE A 133 -0.28 4.55 -8.33
N GLN A 134 -1.31 3.88 -8.84
CA GLN A 134 -1.51 2.46 -8.58
C GLN A 134 -0.62 1.65 -9.53
N ILE A 135 0.08 0.65 -9.00
CA ILE A 135 0.95 -0.19 -9.81
C ILE A 135 0.35 -1.58 -10.02
N PHE A 136 0.07 -2.30 -8.93
CA PHE A 136 -0.54 -3.62 -8.96
C PHE A 136 -1.88 -3.58 -9.70
N ASP A 137 -2.28 -4.74 -10.24
CA ASP A 137 -3.55 -4.90 -10.95
C ASP A 137 -4.25 -6.20 -10.53
N PRO A 138 -5.58 -6.19 -10.36
CA PRO A 138 -6.25 -7.41 -9.85
C PRO A 138 -6.22 -8.61 -10.78
N ARG A 139 -5.83 -8.45 -12.05
CA ARG A 139 -5.82 -9.61 -12.93
C ARG A 139 -4.53 -10.41 -12.85
N GLU A 140 -3.51 -9.90 -12.17
CA GLU A 140 -2.22 -10.59 -12.17
C GLU A 140 -2.30 -11.95 -11.47
N LEU A 141 -3.15 -12.07 -10.44
CA LEU A 141 -3.29 -13.36 -9.78
C LEU A 141 -4.19 -14.33 -10.54
N ALA A 142 -4.91 -13.85 -11.56
CA ALA A 142 -5.71 -14.73 -12.39
C ALA A 142 -4.91 -15.38 -13.51
N VAL A 143 -3.65 -14.98 -13.70
CA VAL A 143 -2.77 -15.59 -14.69
C VAL A 143 -2.18 -16.86 -14.10
N ALA A 144 -2.45 -18.00 -14.74
CA ALA A 144 -1.90 -19.26 -14.25
C ALA A 144 -0.39 -19.27 -14.39
N ASP A 145 0.30 -19.69 -13.32
CA ASP A 145 1.76 -19.87 -13.35
C ASP A 145 2.47 -18.58 -13.78
N ASN A 146 1.97 -17.45 -13.27
CA ASN A 146 2.52 -16.14 -13.59
C ASN A 146 3.93 -16.00 -13.00
N ILE A 147 4.93 -15.74 -13.85
CA ILE A 147 6.29 -15.61 -13.32
C ILE A 147 6.67 -14.18 -12.99
N ASP A 148 5.75 -13.21 -13.12
CA ASP A 148 6.14 -11.81 -12.98
C ASP A 148 4.93 -10.99 -12.50
N VAL A 149 4.68 -11.05 -11.19
CA VAL A 149 3.57 -10.34 -10.56
C VAL A 149 4.10 -9.08 -9.91
N ALA A 150 3.51 -7.93 -10.22
CA ALA A 150 4.01 -6.67 -9.65
C ALA A 150 4.10 -6.78 -8.13
N CYS A 151 5.25 -6.33 -7.59
CA CYS A 151 5.39 -6.33 -6.14
CA CYS A 151 5.48 -6.31 -6.15
C CYS A 151 5.24 -4.95 -5.53
N THR A 152 5.16 -3.90 -6.33
CA THR A 152 4.83 -2.57 -5.82
C THR A 152 3.32 -2.40 -5.91
N LEU A 153 2.71 -1.94 -4.82
CA LEU A 153 1.27 -1.72 -4.81
C LEU A 153 0.92 -0.35 -5.36
N ALA A 154 1.56 0.69 -4.86
CA ALA A 154 1.24 2.06 -5.25
C ALA A 154 2.37 2.98 -4.84
N LEU A 155 2.41 4.15 -5.48
CA LEU A 155 3.25 5.27 -5.07
C LEU A 155 2.36 6.46 -4.77
N GLN A 156 2.61 7.14 -3.66
CA GLN A 156 1.80 8.30 -3.30
C GLN A 156 2.69 9.53 -3.18
N PHE A 157 2.19 10.67 -3.65
CA PHE A 157 2.87 11.95 -3.51
C PHE A 157 2.02 12.91 -2.70
N LEU A 158 2.65 13.68 -1.82
CA LEU A 158 1.94 14.70 -1.05
C LEU A 158 2.76 15.97 -1.04
N ILE A 159 2.11 17.10 -1.27
CA ILE A 159 2.78 18.40 -1.13
C ILE A 159 2.56 18.87 0.29
N ARG A 160 3.64 19.00 1.05
CA ARG A 160 3.54 19.41 2.45
C ARG A 160 4.60 20.48 2.70
N ASP A 161 4.13 21.69 3.04
CA ASP A 161 4.99 22.83 3.34
C ASP A 161 5.94 23.13 2.19
N GLY A 162 5.39 23.13 0.97
CA GLY A 162 6.16 23.44 -0.20
C GLY A 162 7.12 22.36 -0.67
N LEU A 163 7.08 21.17 -0.07
CA LEU A 163 7.96 20.07 -0.45
C LEU A 163 7.12 18.89 -0.91
N LEU A 164 7.62 18.16 -1.90
CA LEU A 164 6.96 16.95 -2.36
C LEU A 164 7.47 15.75 -1.57
N CYS A 165 6.59 15.15 -0.79
CA CYS A 165 6.88 13.91 -0.07
C CYS A 165 6.41 12.73 -0.90
N GLY A 166 7.09 11.60 -0.73
CA GLY A 166 6.75 10.41 -1.48
C GLY A 166 6.64 9.20 -0.57
N ILE A 167 5.74 8.29 -0.95
CA ILE A 167 5.55 7.04 -0.20
C ILE A 167 5.49 5.90 -1.20
N GLY A 168 6.33 4.90 -1.01
CA GLY A 168 6.23 3.70 -1.83
C GLY A 168 5.67 2.55 -1.01
N TYR A 169 4.59 1.94 -1.46
CA TYR A 169 3.94 0.81 -0.79
C TYR A 169 4.19 -0.44 -1.60
N MET A 170 4.87 -1.43 -1.01
CA MET A 170 5.16 -2.67 -1.72
C MET A 170 4.63 -3.85 -0.93
N ARG A 171 4.14 -4.87 -1.63
CA ARG A 171 3.76 -6.10 -0.93
C ARG A 171 4.97 -6.92 -0.53
N ALA A 172 6.10 -6.74 -1.21
CA ALA A 172 7.28 -7.57 -1.01
C ALA A 172 8.46 -6.83 -1.60
N ASN A 173 9.62 -6.99 -0.97
CA ASN A 173 10.82 -6.31 -1.47
C ASN A 173 12.04 -7.12 -1.06
N ASP A 174 12.88 -7.41 -2.05
CA ASP A 174 14.19 -8.03 -1.86
C ASP A 174 15.10 -7.02 -1.19
N ALA A 175 15.44 -7.24 0.08
CA ALA A 175 16.21 -6.27 0.84
C ALA A 175 17.65 -6.15 0.36
N PHE A 176 18.17 -7.14 -0.36
CA PHE A 176 19.54 -7.07 -0.78
C PHE A 176 19.68 -6.48 -2.18
N ARG A 177 18.92 -7.03 -3.14
CA ARG A 177 19.07 -6.61 -4.53
C ARG A 177 18.00 -5.59 -4.93
N GLY A 178 16.74 -6.03 -4.96
CA GLY A 178 15.67 -5.18 -5.48
C GLY A 178 15.55 -3.83 -4.80
N ALA A 179 15.66 -3.79 -3.46
CA ALA A 179 15.49 -2.54 -2.74
C ALA A 179 16.42 -1.45 -3.26
N VAL A 180 17.62 -1.82 -3.71
CA VAL A 180 18.58 -0.81 -4.17
C VAL A 180 18.01 -0.06 -5.37
N SER A 181 17.49 -0.78 -6.36
CA SER A 181 16.97 -0.09 -7.54
C SER A 181 15.55 0.43 -7.32
N ASP A 182 14.75 -0.23 -6.50
CA ASP A 182 13.40 0.28 -6.26
C ASP A 182 13.46 1.62 -5.55
N VAL A 183 14.25 1.74 -4.49
CA VAL A 183 14.30 3.03 -3.82
C VAL A 183 14.97 4.06 -4.72
N PHE A 184 15.96 3.66 -5.53
CA PHE A 184 16.53 4.60 -6.47
C PHE A 184 15.45 5.14 -7.41
N SER A 185 14.69 4.23 -8.03
CA SER A 185 13.70 4.65 -9.03
C SER A 185 12.57 5.46 -8.41
N PHE A 186 12.10 5.07 -7.23
CA PHE A 186 10.96 5.77 -6.64
C PHE A 186 11.36 7.17 -6.19
N THR A 187 12.57 7.31 -5.61
CA THR A 187 13.02 8.65 -5.24
C THR A 187 13.42 9.46 -6.47
N PHE A 188 13.85 8.80 -7.54
CA PHE A 188 14.06 9.51 -8.81
C PHE A 188 12.75 10.06 -9.34
N LEU A 189 11.69 9.24 -9.36
CA LEU A 189 10.38 9.73 -9.79
C LEU A 189 9.89 10.85 -8.89
N GLN A 190 10.11 10.71 -7.58
CA GLN A 190 9.74 11.77 -6.64
C GLN A 190 10.45 13.08 -6.98
N GLU A 191 11.77 13.04 -7.13
CA GLU A 191 12.51 14.27 -7.45
C GLU A 191 12.07 14.83 -8.81
N PHE A 192 11.96 13.97 -9.82
CA PHE A 192 11.52 14.41 -11.14
C PHE A 192 10.19 15.16 -11.06
N THR A 193 9.24 14.60 -10.31
CA THR A 193 7.94 15.21 -10.17
C THR A 193 8.01 16.50 -9.36
N ALA A 194 8.85 16.52 -8.33
CA ALA A 194 9.02 17.74 -7.55
C ALA A 194 9.54 18.88 -8.41
N ARG A 195 10.59 18.60 -9.22
CA ARG A 195 11.11 19.63 -10.11
C ARG A 195 10.04 20.13 -11.06
N TYR A 196 9.25 19.21 -11.63
CA TYR A 196 8.20 19.57 -12.57
C TYR A 196 7.21 20.53 -11.93
N LEU A 197 6.85 20.28 -10.67
CA LEU A 197 5.88 21.06 -9.92
C LEU A 197 6.49 22.32 -9.32
N GLY A 198 7.80 22.51 -9.42
CA GLY A 198 8.45 23.67 -8.83
C GLY A 198 8.60 23.61 -7.33
N LEU A 199 8.74 22.41 -6.78
CA LEU A 199 8.77 22.20 -5.33
C LEU A 199 10.13 21.66 -4.91
N GLY A 200 10.43 21.85 -3.63
CA GLY A 200 11.57 21.18 -3.03
C GLY A 200 11.26 19.71 -2.76
N ILE A 201 12.30 18.97 -2.35
CA ILE A 201 12.16 17.55 -2.06
C ILE A 201 11.90 17.36 -0.57
N GLY A 202 10.83 16.65 -0.25
CA GLY A 202 10.51 16.30 1.11
C GLY A 202 11.01 14.92 1.46
N THR A 203 10.34 14.28 2.41
CA THR A 203 10.77 12.96 2.87
C THR A 203 10.27 11.87 1.92
N TYR A 204 10.96 10.74 1.95
CA TYR A 204 10.51 9.53 1.28
C TYR A 204 10.23 8.45 2.32
N HIS A 205 9.08 7.80 2.20
CA HIS A 205 8.70 6.71 3.10
C HIS A 205 8.59 5.42 2.30
N HIS A 206 9.28 4.39 2.75
CA HIS A 206 9.24 3.08 2.11
C HIS A 206 8.51 2.14 3.06
N VAL A 207 7.48 1.46 2.57
CA VAL A 207 6.72 0.54 3.43
C VAL A 207 6.47 -0.75 2.68
N VAL A 208 6.82 -1.88 3.32
CA VAL A 208 6.85 -3.18 2.64
C VAL A 208 6.19 -4.24 3.50
N GLY A 209 5.33 -5.06 2.89
CA GLY A 209 4.77 -6.21 3.55
C GLY A 209 5.77 -7.29 3.94
N SER A 210 6.43 -7.91 2.96
CA SER A 210 7.47 -8.90 3.21
C SER A 210 8.81 -8.34 2.74
N VAL A 211 9.75 -8.14 3.66
CA VAL A 211 11.13 -7.79 3.31
C VAL A 211 11.99 -9.01 3.58
N HIS A 212 12.86 -9.35 2.63
CA HIS A 212 13.53 -10.63 2.69
C HIS A 212 14.91 -10.58 2.04
N ILE A 213 15.77 -11.47 2.50
CA ILE A 213 17.04 -11.79 1.87
C ILE A 213 16.96 -13.24 1.41
N TYR A 214 17.05 -13.46 0.10
CA TYR A 214 17.08 -14.83 -0.41
C TYR A 214 18.33 -15.55 0.08
N ASP A 215 18.17 -16.83 0.45
CA ASP A 215 19.32 -17.60 0.90
C ASP A 215 20.43 -17.61 -0.15
N SER A 216 20.06 -17.55 -1.44
CA SER A 216 21.07 -17.55 -2.49
C SER A 216 21.92 -16.28 -2.47
N ASP A 217 21.46 -15.21 -1.82
CA ASP A 217 22.24 -13.98 -1.68
C ASP A 217 22.92 -13.85 -0.32
N ALA A 218 22.82 -14.87 0.53
CA ALA A 218 23.33 -14.75 1.90
C ALA A 218 24.82 -14.41 1.93
N ARG A 219 25.62 -15.09 1.11
CA ARG A 219 27.07 -14.86 1.10
C ARG A 219 27.41 -13.43 0.72
N TRP A 220 26.80 -12.93 -0.34
CA TRP A 220 27.06 -11.56 -0.78
C TRP A 220 26.56 -10.56 0.25
N ALA A 221 25.37 -10.79 0.81
CA ALA A 221 24.85 -9.90 1.84
C ALA A 221 25.80 -9.83 3.02
N GLU A 222 26.40 -10.97 3.38
CA GLU A 222 27.34 -10.99 4.49
C GLU A 222 28.59 -10.19 4.17
N ARG A 223 29.08 -10.29 2.93
CA ARG A 223 30.23 -9.49 2.51
C ARG A 223 29.93 -8.00 2.64
N VAL A 224 28.71 -7.59 2.28
CA VAL A 224 28.35 -6.18 2.39
C VAL A 224 28.25 -5.77 3.84
N LEU A 225 27.68 -6.62 4.70
CA LEU A 225 27.59 -6.27 6.12
C LEU A 225 28.95 -6.25 6.79
N ASP A 226 29.87 -7.10 6.33
CA ASP A 226 31.21 -7.12 6.90
C ASP A 226 32.05 -5.93 6.47
N ALA A 227 31.67 -5.25 5.40
CA ALA A 227 32.39 -4.07 4.95
C ALA A 227 32.20 -2.92 5.93
N GLY A 237 28.52 12.96 -2.66
CA GLY A 237 27.10 13.28 -2.75
C GLY A 237 26.46 13.06 -4.12
N PHE A 238 25.22 12.54 -4.11
CA PHE A 238 24.51 12.34 -5.37
C PHE A 238 24.01 13.69 -5.90
N PRO A 239 24.17 13.96 -7.19
CA PRO A 239 23.81 15.28 -7.72
C PRO A 239 22.31 15.47 -7.87
N ALA A 240 21.90 16.73 -7.80
CA ALA A 240 20.49 17.09 -7.88
C ALA A 240 20.07 17.29 -9.33
N MET A 241 18.88 16.80 -9.64
CA MET A 241 18.28 17.00 -10.96
C MET A 241 17.92 18.47 -11.13
N PRO A 242 18.11 19.03 -12.33
CA PRO A 242 17.84 20.46 -12.52
C PRO A 242 16.37 20.83 -12.31
N ASP A 243 16.17 22.10 -11.98
CA ASP A 243 14.84 22.62 -11.73
C ASP A 243 13.99 22.59 -12.99
N GLY A 244 12.68 22.54 -12.78
CA GLY A 244 11.72 22.68 -13.86
C GLY A 244 11.30 21.37 -14.48
N ASP A 245 10.73 21.50 -15.67
CA ASP A 245 10.19 20.38 -16.44
C ASP A 245 11.34 19.66 -17.14
N ASN A 246 11.67 18.46 -16.68
CA ASN A 246 12.78 17.71 -17.27
C ASN A 246 12.35 16.76 -18.39
N TRP A 247 11.07 16.74 -18.75
CA TRP A 247 10.63 15.88 -19.84
C TRP A 247 11.39 16.11 -21.14
N PRO A 248 11.63 17.33 -21.59
CA PRO A 248 12.41 17.48 -22.84
C PRO A 248 13.79 16.87 -22.74
N HIS A 249 14.43 16.99 -21.58
CA HIS A 249 15.75 16.39 -21.41
C HIS A 249 15.67 14.87 -21.42
N VAL A 250 14.67 14.32 -20.72
CA VAL A 250 14.48 12.87 -20.69
C VAL A 250 14.27 12.33 -22.10
N ARG A 251 13.47 13.03 -22.92
CA ARG A 251 13.26 12.57 -24.28
C ARG A 251 14.57 12.50 -25.05
N ARG A 252 15.46 13.48 -24.86
CA ARG A 252 16.74 13.49 -25.57
C ARG A 252 17.67 12.42 -25.02
N VAL A 253 17.67 12.23 -23.70
CA VAL A 253 18.47 11.17 -23.09
C VAL A 253 17.99 9.79 -23.56
N LEU A 254 16.67 9.60 -23.66
CA LEU A 254 16.16 8.32 -24.15
C LEU A 254 16.56 8.08 -25.60
N GLU A 255 16.63 9.13 -26.41
CA GLU A 255 17.14 8.97 -27.77
C GLU A 255 18.58 8.51 -27.75
N TRP A 256 19.43 9.17 -26.97
CA TRP A 256 20.82 8.71 -26.89
C TRP A 256 20.90 7.31 -26.30
N GLU A 257 20.05 7.01 -25.31
CA GLU A 257 20.07 5.68 -24.69
C GLU A 257 19.88 4.58 -25.73
N GLU A 258 18.89 4.76 -26.61
CA GLU A 258 18.60 3.72 -27.59
C GLU A 258 19.74 3.57 -28.60
N ARG A 259 20.31 4.69 -29.06
CA ARG A 259 21.35 4.61 -30.07
C ARG A 259 22.63 4.00 -29.48
N LEU A 260 22.95 4.37 -28.23
CA LEU A 260 24.15 3.81 -27.62
C LEU A 260 23.98 2.32 -27.30
N ARG A 261 22.82 1.94 -26.75
CA ARG A 261 22.61 0.53 -26.40
C ARG A 261 22.69 -0.39 -27.61
N THR A 262 22.19 0.07 -28.75
CA THR A 262 22.21 -0.70 -29.99
C THR A 262 23.50 -0.51 -30.79
N ASN A 263 24.45 0.27 -30.26
CA ASN A 263 25.73 0.56 -30.91
C ASN A 263 25.54 1.27 -32.25
N ALA A 264 24.41 1.97 -32.41
CA ALA A 264 24.14 2.80 -33.57
C ALA A 264 24.75 4.19 -33.47
N ALA A 265 25.38 4.51 -32.34
CA ALA A 265 26.13 5.75 -32.20
C ALA A 265 27.23 5.53 -31.16
N ARG A 266 28.23 6.41 -31.18
CA ARG A 266 29.16 6.51 -30.07
C ARG A 266 29.66 7.95 -29.98
N LEU A 267 30.11 8.32 -28.78
CA LEU A 267 30.50 9.69 -28.46
C LEU A 267 31.77 9.68 -27.63
N SER A 268 32.75 10.48 -28.03
CA SER A 268 33.94 10.65 -27.22
C SER A 268 33.66 11.53 -25.99
N ALA A 269 34.64 11.59 -25.09
CA ALA A 269 34.54 12.45 -23.92
C ALA A 269 34.25 13.90 -24.30
N ASP A 270 34.95 14.42 -25.32
CA ASP A 270 34.74 15.81 -25.73
C ASP A 270 33.40 16.00 -26.43
N ALA A 271 32.94 14.98 -27.16
CA ALA A 271 31.61 15.06 -27.75
C ALA A 271 30.53 15.08 -26.68
N LEU A 272 30.70 14.26 -25.64
CA LEU A 272 29.76 14.25 -24.52
C LEU A 272 29.69 15.61 -23.84
N ASP A 273 30.85 16.22 -23.59
CA ASP A 273 30.89 17.50 -22.88
C ASP A 273 30.20 18.59 -23.69
N ALA A 274 30.14 18.43 -25.01
CA ALA A 274 29.59 19.45 -25.89
C ALA A 274 28.13 19.22 -26.23
N LEU A 275 27.51 18.15 -25.74
CA LEU A 275 26.10 17.91 -25.97
C LEU A 275 25.26 19.08 -25.46
N ASP A 276 24.15 19.36 -26.15
CA ASP A 276 23.25 20.44 -25.76
C ASP A 276 22.24 19.87 -24.75
N LEU A 277 22.73 19.70 -23.51
CA LEU A 277 21.96 19.15 -22.41
C LEU A 277 22.48 19.77 -21.11
N PRO A 278 21.65 19.88 -20.08
CA PRO A 278 22.17 20.25 -18.77
C PRO A 278 23.23 19.25 -18.32
N ALA A 279 24.19 19.73 -17.52
CA ALA A 279 25.29 18.89 -17.08
C ALA A 279 24.80 17.59 -16.45
N TYR A 280 23.75 17.69 -15.62
CA TYR A 280 23.20 16.51 -14.97
C TYR A 280 22.85 15.43 -15.98
N TRP A 281 22.18 15.80 -17.06
CA TRP A 281 21.77 14.81 -18.05
C TRP A 281 22.91 14.42 -19.00
N LYS A 282 23.86 15.32 -19.25
CA LYS A 282 25.07 14.94 -19.99
C LYS A 282 25.78 13.78 -19.30
N HIS A 283 25.87 13.84 -17.96
CA HIS A 283 26.54 12.78 -17.21
C HIS A 283 25.80 11.46 -17.36
N VAL A 284 24.46 11.48 -17.42
CA VAL A 284 23.72 10.24 -17.61
C VAL A 284 23.99 9.65 -18.99
N VAL A 285 24.05 10.50 -20.02
CA VAL A 285 24.41 10.01 -21.36
C VAL A 285 25.82 9.45 -21.34
N ALA A 286 26.73 10.08 -20.60
CA ALA A 286 28.11 9.56 -20.53
C ALA A 286 28.14 8.18 -19.87
N LEU A 287 27.28 7.95 -18.86
CA LEU A 287 27.17 6.62 -18.29
C LEU A 287 26.79 5.60 -19.35
N PHE A 288 25.87 5.96 -20.23
CA PHE A 288 25.43 5.03 -21.27
C PHE A 288 26.54 4.81 -22.31
N GLU A 289 27.32 5.85 -22.62
CA GLU A 289 28.46 5.67 -23.52
C GLU A 289 29.52 4.77 -22.87
N ALA A 290 29.79 4.96 -21.57
CA ALA A 290 30.70 4.06 -20.86
C ALA A 290 30.21 2.62 -20.92
N HIS A 291 28.91 2.42 -20.68
CA HIS A 291 28.36 1.08 -20.69
C HIS A 291 28.45 0.47 -22.08
N ARG A 292 28.28 1.30 -23.13
CA ARG A 292 28.43 0.81 -24.49
C ARG A 292 29.84 0.33 -24.75
N GLN A 293 30.84 1.08 -24.27
CA GLN A 293 32.23 0.65 -24.44
C GLN A 293 32.43 -0.73 -23.83
N VAL A 294 31.84 -0.98 -22.66
CA VAL A 294 31.98 -2.29 -22.03
C VAL A 294 31.26 -3.36 -22.83
N ARG A 295 29.97 -3.16 -23.12
CA ARG A 295 29.17 -4.24 -23.68
C ARG A 295 29.42 -4.48 -25.15
N HIS A 296 29.89 -3.47 -25.89
CA HIS A 296 30.19 -3.65 -27.30
C HIS A 296 31.69 -3.69 -27.58
N GLU A 297 32.50 -3.84 -26.53
CA GLU A 297 33.95 -4.06 -26.63
C GLU A 297 34.65 -2.98 -27.45
N ASP A 298 34.37 -1.72 -27.08
CA ASP A 298 35.09 -0.58 -27.64
C ASP A 298 36.06 -0.02 -26.59
N THR A 299 36.95 0.86 -27.05
CA THR A 299 38.00 1.35 -26.18
C THR A 299 37.39 2.15 -25.02
N PRO A 300 37.67 1.80 -23.77
CA PRO A 300 37.15 2.59 -22.65
C PRO A 300 37.77 3.97 -22.62
N ASP A 301 36.93 4.97 -22.38
CA ASP A 301 37.34 6.37 -22.43
C ASP A 301 37.62 6.82 -21.00
N ARG A 302 38.90 6.99 -20.66
CA ARG A 302 39.24 7.44 -19.32
C ARG A 302 38.98 8.92 -19.13
N ALA A 303 38.99 9.71 -20.21
CA ALA A 303 38.61 11.11 -20.08
C ALA A 303 37.13 11.24 -19.76
N LEU A 304 36.30 10.34 -20.32
CA LEU A 304 34.90 10.29 -19.95
C LEU A 304 34.78 10.09 -18.45
N LEU A 305 35.50 9.10 -17.93
CA LEU A 305 35.39 8.74 -16.52
C LEU A 305 35.77 9.91 -15.62
N ALA A 306 36.82 10.65 -15.99
CA ALA A 306 37.32 11.73 -15.16
C ALA A 306 36.36 12.91 -15.05
N ALA A 307 35.48 13.09 -16.04
CA ALA A 307 34.51 14.19 -16.01
C ALA A 307 33.24 13.86 -15.25
N LEU A 308 33.03 12.61 -14.85
CA LEU A 308 31.81 12.25 -14.15
C LEU A 308 31.83 12.74 -12.71
N PRO A 309 30.65 12.92 -12.09
CA PRO A 309 30.58 13.08 -10.64
C PRO A 309 31.27 11.91 -9.94
N GLU A 310 31.85 12.20 -8.78
CA GLU A 310 32.63 11.16 -8.09
C GLU A 310 31.78 9.95 -7.72
N VAL A 311 30.50 10.15 -7.38
CA VAL A 311 29.64 9.01 -7.07
C VAL A 311 29.56 8.06 -8.25
N TYR A 312 29.44 8.61 -9.47
CA TYR A 312 29.37 7.76 -10.66
C TYR A 312 30.73 7.14 -10.97
N ARG A 313 31.80 7.93 -10.84
CA ARG A 313 33.15 7.39 -11.06
C ARG A 313 33.39 6.17 -10.20
N GLN A 314 33.02 6.26 -8.91
CA GLN A 314 33.24 5.14 -7.99
C GLN A 314 32.42 3.92 -8.40
N SER A 315 31.15 4.14 -8.80
CA SER A 315 30.33 3.02 -9.23
C SER A 315 30.94 2.33 -10.44
N LEU A 316 31.41 3.11 -11.42
CA LEU A 316 31.99 2.51 -12.62
C LEU A 316 33.30 1.78 -12.30
N ALA A 317 34.15 2.38 -11.45
CA ALA A 317 35.45 1.78 -11.18
C ALA A 317 35.29 0.46 -10.42
N VAL A 318 34.26 0.35 -9.58
CA VAL A 318 34.08 -0.87 -8.80
C VAL A 318 33.32 -1.91 -9.61
N LYS A 319 32.34 -1.49 -10.41
CA LYS A 319 31.59 -2.43 -11.24
C LYS A 319 32.45 -3.01 -12.37
N TRP A 320 33.27 -2.18 -13.02
CA TRP A 320 34.09 -2.63 -14.15
C TRP A 320 35.54 -2.22 -13.94
N PRO A 321 36.23 -2.86 -12.98
CA PRO A 321 37.60 -2.43 -12.65
C PRO A 321 38.58 -2.65 -13.78
N GLY A 322 38.33 -3.62 -14.66
CA GLY A 322 39.18 -3.81 -15.82
C GLY A 322 39.04 -2.74 -16.87
N HIS A 323 37.93 -2.00 -16.85
CA HIS A 323 37.71 -0.90 -17.79
C HIS A 323 37.97 0.46 -17.17
N PHE A 324 37.50 0.68 -15.93
CA PHE A 324 37.53 2.02 -15.33
C PHE A 324 38.21 2.05 -13.97
N GLY A 325 38.93 1.00 -13.59
CA GLY A 325 39.55 0.93 -12.28
C GLY A 325 40.96 1.51 -12.22
N THR B 1 3.97 -1.41 18.35
CA THR B 1 3.27 -2.69 18.53
C THR B 1 2.34 -2.63 19.74
N PHE B 2 1.11 -3.12 19.57
CA PHE B 2 0.11 -3.04 20.62
C PHE B 2 -0.59 -4.38 20.74
N GLY B 3 -1.06 -4.67 21.95
CA GLY B 3 -1.78 -5.92 22.17
C GLY B 3 -3.13 -5.94 21.47
N THR B 4 -3.89 -4.84 21.57
CA THR B 4 -5.25 -4.74 21.06
C THR B 4 -5.40 -3.47 20.23
N PHE B 5 -6.42 -3.43 19.39
CA PHE B 5 -6.64 -2.22 18.59
C PHE B 5 -6.85 -1.00 19.48
N GLN B 6 -7.57 -1.15 20.61
CA GLN B 6 -7.85 0.04 21.41
C GLN B 6 -6.56 0.73 21.87
N ASP B 7 -5.55 -0.05 22.25
CA ASP B 7 -4.27 0.55 22.65
C ASP B 7 -3.64 1.33 21.50
N ALA B 8 -3.64 0.75 20.30
CA ALA B 8 -3.07 1.44 19.15
C ALA B 8 -3.89 2.68 18.79
N TYR B 9 -5.22 2.56 18.86
CA TYR B 9 -6.11 3.65 18.50
C TYR B 9 -5.86 4.88 19.36
N LEU B 10 -5.86 4.70 20.68
CA LEU B 10 -5.68 5.83 21.59
C LEU B 10 -4.28 6.43 21.45
N SER B 11 -3.27 5.58 21.26
CA SER B 11 -1.91 6.08 21.13
C SER B 11 -1.75 6.92 19.87
N GLN B 12 -2.31 6.45 18.76
CA GLN B 12 -2.24 7.22 17.52
C GLN B 12 -3.03 8.51 17.64
N LEU B 13 -4.19 8.45 18.30
CA LEU B 13 -5.00 9.65 18.47
C LEU B 13 -4.24 10.71 19.25
N ARG B 14 -3.55 10.29 20.32
CA ARG B 14 -2.81 11.26 21.13
C ARG B 14 -1.61 11.80 20.35
N ASP B 15 -0.99 10.98 19.51
CA ASP B 15 0.17 11.43 18.74
C ASP B 15 -0.22 12.50 17.74
N ILE B 16 -1.33 12.29 17.03
CA ILE B 16 -1.79 13.26 16.05
C ILE B 16 -2.27 14.53 16.74
N TYR B 17 -2.96 14.36 17.87
CA TYR B 17 -3.55 15.51 18.52
C TYR B 17 -2.48 16.40 19.15
N HIS B 18 -1.49 15.79 19.80
CA HIS B 18 -0.49 16.60 20.50
C HIS B 18 0.68 17.01 19.61
N SER B 19 1.06 16.19 18.64
CA SER B 19 2.23 16.46 17.80
C SER B 19 1.93 16.24 16.32
N PRO B 20 1.00 16.98 15.74
CA PRO B 20 0.77 16.83 14.30
C PRO B 20 1.99 17.28 13.51
N GLU B 21 2.31 16.53 12.46
CA GLU B 21 3.37 16.97 11.56
C GLU B 21 2.92 18.16 10.71
N PHE B 22 1.64 18.20 10.34
CA PHE B 22 1.10 19.25 9.49
C PHE B 22 -0.31 19.61 9.94
N ARG B 23 -0.68 20.86 9.72
CA ARG B 23 -2.07 21.28 9.78
C ARG B 23 -2.41 21.86 8.42
N ASN B 24 -3.40 21.28 7.76
CA ASN B 24 -3.74 21.68 6.39
C ASN B 24 -5.22 21.37 6.18
N ALA B 25 -5.67 21.43 4.93
CA ALA B 25 -7.10 21.37 4.61
C ALA B 25 -7.32 20.76 3.24
N PRO B 26 -7.08 19.45 3.09
CA PRO B 26 -7.37 18.79 1.81
C PRO B 26 -8.86 18.85 1.48
N ARG B 27 -9.17 19.29 0.27
CA ARG B 27 -10.55 19.48 -0.18
C ARG B 27 -11.32 20.38 0.78
N GLY B 28 -10.60 21.32 1.41
CA GLY B 28 -11.18 22.28 2.32
C GLY B 28 -11.49 21.76 3.71
N GLN B 29 -11.00 20.58 4.09
CA GLN B 29 -11.31 19.96 5.37
C GLN B 29 -10.12 20.13 6.32
N ALA B 30 -10.18 21.16 7.15
CA ALA B 30 -9.08 21.46 8.06
C ALA B 30 -8.77 20.28 8.99
N SER B 31 -7.48 19.95 9.13
CA SER B 31 -7.09 18.73 9.83
C SER B 31 -5.75 18.91 10.54
N ARG B 32 -5.52 18.05 11.53
CA ARG B 32 -4.20 17.73 12.06
C ARG B 32 -3.76 16.40 11.42
N GLU B 33 -2.49 16.31 11.00
CA GLU B 33 -2.07 15.19 10.16
C GLU B 33 -0.69 14.67 10.53
N ARG B 34 -0.50 13.36 10.42
CA ARG B 34 0.84 12.76 10.40
C ARG B 34 0.94 11.88 9.16
N ILE B 35 2.17 11.73 8.65
CA ILE B 35 2.42 11.06 7.38
C ILE B 35 3.12 9.74 7.63
N GLY B 36 2.70 8.71 6.89
CA GLY B 36 3.38 7.42 6.90
C GLY B 36 3.32 6.76 8.26
N ALA B 37 2.11 6.61 8.79
CA ALA B 37 1.90 6.14 10.15
C ALA B 37 1.34 4.73 10.15
N GLY B 38 1.84 3.90 11.07
CA GLY B 38 1.36 2.53 11.14
C GLY B 38 1.42 1.97 12.54
N PHE B 39 0.82 0.79 12.70
CA PHE B 39 0.95 0.05 13.94
C PHE B 39 0.78 -1.44 13.64
N ARG B 40 1.14 -2.25 14.63
CA ARG B 40 1.07 -3.70 14.54
C ARG B 40 0.24 -4.19 15.72
N LEU B 41 -0.79 -4.98 15.45
CA LEU B 41 -1.63 -5.56 16.49
C LEU B 41 -1.29 -7.02 16.69
N LEU B 42 -1.08 -7.43 17.94
CA LEU B 42 -0.79 -8.82 18.23
C LEU B 42 -2.04 -9.69 18.26
N ASP B 43 -3.20 -9.12 18.62
CA ASP B 43 -4.45 -9.88 18.75
C ASP B 43 -5.55 -9.19 17.94
N PRO B 44 -5.59 -9.43 16.62
CA PRO B 44 -6.56 -8.73 15.76
C PRO B 44 -8.03 -9.02 16.07
N VAL B 45 -8.35 -10.12 16.75
CA VAL B 45 -9.75 -10.38 17.09
C VAL B 45 -10.25 -9.36 18.10
N GLN B 46 -9.36 -8.81 18.93
CA GLN B 46 -9.74 -7.82 19.93
C GLN B 46 -9.81 -6.45 19.26
N ARG B 47 -10.82 -6.29 18.42
CA ARG B 47 -10.85 -5.24 17.42
C ARG B 47 -11.74 -4.06 17.77
N HIS B 48 -12.30 -4.04 18.97
CA HIS B 48 -13.36 -3.10 19.35
C HIS B 48 -12.81 -1.96 20.22
N ILE B 49 -13.51 -0.83 20.17
CA ILE B 49 -13.23 0.29 21.05
C ILE B 49 -14.31 0.32 22.13
N SER B 50 -13.90 0.30 23.39
CA SER B 50 -14.86 0.27 24.50
C SER B 50 -14.82 1.51 25.38
N VAL B 51 -13.99 2.50 25.08
CA VAL B 51 -14.00 3.78 25.78
C VAL B 51 -15.38 4.41 25.63
N PRO B 52 -16.12 4.63 26.72
CA PRO B 52 -17.51 5.12 26.56
C PRO B 52 -17.63 6.44 25.83
N ALA B 53 -16.70 7.38 26.04
CA ALA B 53 -16.76 8.67 25.34
C ALA B 53 -16.74 8.52 23.82
N ARG B 54 -16.18 7.43 23.30
CA ARG B 54 -16.14 7.25 21.86
C ARG B 54 -17.46 6.74 21.30
N ARG B 55 -18.31 6.12 22.12
CA ARG B 55 -19.61 5.61 21.69
C ARG B 55 -19.50 4.76 20.41
N ALA B 56 -18.51 3.87 20.42
CA ALA B 56 -18.32 2.98 19.27
C ALA B 56 -19.56 2.12 19.06
N ASN B 57 -19.94 1.96 17.79
CA ASN B 57 -21.22 1.37 17.41
C ASN B 57 -20.95 -0.01 16.80
N VAL B 58 -21.06 -1.05 17.63
CA VAL B 58 -20.76 -2.40 17.16
C VAL B 58 -21.78 -2.86 16.12
N VAL B 59 -23.00 -2.30 16.11
CA VAL B 59 -23.94 -2.69 15.08
C VAL B 59 -23.43 -2.22 13.73
N PHE B 60 -23.02 -0.96 13.64
CA PHE B 60 -22.45 -0.43 12.40
C PHE B 60 -21.21 -1.22 12.01
N ASN B 61 -20.37 -1.56 12.98
CA ASN B 61 -19.15 -2.32 12.68
C ASN B 61 -19.47 -3.60 11.93
N PHE B 62 -20.40 -4.40 12.48
CA PHE B 62 -20.75 -5.63 11.81
C PHE B 62 -21.49 -5.36 10.50
N ALA B 63 -22.31 -4.31 10.46
CA ALA B 63 -23.04 -4.01 9.24
C ALA B 63 -22.11 -3.68 8.09
N GLU B 64 -21.09 -2.85 8.36
CA GLU B 64 -20.14 -2.49 7.31
C GLU B 64 -19.39 -3.72 6.82
N ALA B 65 -18.93 -4.57 7.75
CA ALA B 65 -18.18 -5.75 7.36
C ALA B 65 -19.04 -6.71 6.54
N LEU B 66 -20.30 -6.89 6.93
CA LEU B 66 -21.19 -7.78 6.16
C LEU B 66 -21.61 -7.14 4.85
N TRP B 67 -21.73 -5.81 4.81
CA TRP B 67 -21.96 -5.12 3.55
C TRP B 67 -20.84 -5.42 2.56
N TYR B 68 -19.58 -5.41 3.06
CA TYR B 68 -18.46 -5.79 2.20
C TYR B 68 -18.58 -7.23 1.73
N LEU B 69 -18.85 -8.16 2.65
CA LEU B 69 -18.96 -9.56 2.27
C LEU B 69 -20.08 -9.79 1.26
N SER B 70 -21.15 -8.99 1.33
CA SER B 70 -22.25 -9.14 0.38
C SER B 70 -21.87 -8.68 -1.02
N GLY B 71 -20.78 -7.95 -1.19
CA GLY B 71 -20.36 -7.46 -2.49
C GLY B 71 -21.16 -6.28 -2.99
N SER B 72 -21.97 -5.65 -2.14
CA SER B 72 -22.93 -4.65 -2.57
C SER B 72 -22.29 -3.26 -2.64
N ASP B 73 -22.80 -2.44 -3.57
CA ASP B 73 -22.51 -1.00 -3.53
C ASP B 73 -23.72 -0.17 -3.10
N ARG B 74 -24.79 -0.79 -2.63
CA ARG B 74 -26.05 -0.10 -2.41
C ARG B 74 -26.02 0.78 -1.17
N LEU B 75 -26.50 2.01 -1.33
CA LEU B 75 -26.56 2.96 -0.22
C LEU B 75 -27.61 2.59 0.82
N ASP B 76 -28.73 1.99 0.39
CA ASP B 76 -29.86 1.83 1.31
C ASP B 76 -29.49 0.91 2.48
N PHE B 77 -28.72 -0.15 2.21
CA PHE B 77 -28.23 -1.03 3.25
C PHE B 77 -27.44 -0.26 4.29
N ILE B 78 -26.40 0.43 3.86
CA ILE B 78 -25.42 0.93 4.81
C ILE B 78 -25.87 2.24 5.44
N GLN B 79 -26.64 3.08 4.72
CA GLN B 79 -27.07 4.34 5.32
C GLN B 79 -28.07 4.12 6.45
N TYR B 80 -28.75 2.97 6.47
CA TYR B 80 -29.60 2.63 7.60
C TYR B 80 -28.82 2.62 8.90
N TYR B 81 -27.55 2.21 8.84
CA TYR B 81 -26.69 2.17 10.03
C TYR B 81 -25.86 3.43 10.22
N ALA B 82 -25.64 4.20 9.18
CA ALA B 82 -24.81 5.40 9.25
C ALA B 82 -25.42 6.45 8.35
N PRO B 83 -26.36 7.24 8.87
CA PRO B 83 -27.13 8.14 7.99
C PRO B 83 -26.29 9.13 7.22
N GLY B 84 -25.23 9.64 7.84
CA GLY B 84 -24.41 10.63 7.15
C GLY B 84 -23.65 10.10 5.95
N ILE B 85 -23.59 8.79 5.75
CA ILE B 85 -22.79 8.25 4.66
C ILE B 85 -23.35 8.65 3.29
N ALA B 86 -24.62 9.07 3.23
CA ALA B 86 -25.22 9.46 1.97
C ALA B 86 -24.53 10.69 1.38
N ALA B 87 -23.78 11.42 2.19
CA ALA B 87 -23.04 12.58 1.70
C ALA B 87 -22.02 12.20 0.63
N TYR B 88 -21.61 10.93 0.57
CA TYR B 88 -20.62 10.45 -0.37
C TYR B 88 -21.24 9.73 -1.55
N SER B 89 -22.57 9.73 -1.65
CA SER B 89 -23.29 9.13 -2.76
C SER B 89 -23.65 10.22 -3.77
N ALA B 90 -23.08 10.12 -4.96
CA ALA B 90 -23.40 11.12 -5.98
C ALA B 90 -24.79 10.89 -6.58
N ASP B 91 -25.25 9.66 -6.64
CA ASP B 91 -26.51 9.31 -7.31
C ASP B 91 -27.65 9.04 -6.34
N GLY B 92 -27.38 9.04 -5.04
CA GLY B 92 -28.40 8.74 -4.06
C GLY B 92 -28.79 7.28 -3.97
N ARG B 93 -28.08 6.39 -4.66
CA ARG B 93 -28.44 4.98 -4.70
C ARG B 93 -27.26 4.08 -4.38
N THR B 94 -26.05 4.52 -4.74
CA THR B 94 -24.86 3.69 -4.60
C THR B 94 -23.71 4.50 -4.04
N LEU B 95 -22.70 3.78 -3.58
CA LEU B 95 -21.48 4.35 -3.08
C LEU B 95 -20.38 3.87 -4.01
N ARG B 96 -19.33 4.66 -4.17
CA ARG B 96 -18.24 4.27 -5.07
C ARG B 96 -17.00 3.87 -4.29
N GLY B 97 -16.14 4.81 -3.99
CA GLY B 97 -14.92 4.54 -3.28
C GLY B 97 -15.14 3.98 -1.88
N THR B 98 -16.30 4.25 -1.32
CA THR B 98 -16.64 3.75 0.01
C THR B 98 -17.08 2.28 -0.01
N ALA B 99 -17.52 1.78 -1.17
CA ALA B 99 -18.04 0.42 -1.28
C ALA B 99 -16.90 -0.55 -1.58
N TYR B 100 -16.29 -1.10 -0.53
CA TYR B 100 -15.21 -2.05 -0.76
C TYR B 100 -15.70 -3.42 -1.22
N GLY B 101 -16.99 -3.75 -1.03
CA GLY B 101 -17.53 -5.03 -1.43
C GLY B 101 -17.25 -5.39 -2.88
N PRO B 102 -17.66 -4.53 -3.81
CA PRO B 102 -17.33 -4.79 -5.23
C PRO B 102 -15.85 -4.80 -5.50
N ARG B 103 -15.05 -4.00 -4.80
CA ARG B 103 -13.61 -4.03 -5.06
C ARG B 103 -13.00 -5.38 -4.69
N ILE B 104 -13.53 -6.01 -3.64
CA ILE B 104 -13.00 -7.30 -3.18
C ILE B 104 -13.46 -8.43 -4.10
N PHE B 105 -14.74 -8.45 -4.44
CA PHE B 105 -15.35 -9.63 -5.07
C PHE B 105 -15.66 -9.49 -6.54
N ARG B 106 -15.62 -8.27 -7.10
CA ARG B 106 -15.86 -8.08 -8.53
C ARG B 106 -15.18 -6.77 -8.95
N HIS B 107 -13.88 -6.71 -8.75
CA HIS B 107 -13.16 -5.46 -8.91
C HIS B 107 -13.37 -4.91 -10.33
N PRO B 108 -13.63 -3.61 -10.48
CA PRO B 108 -13.92 -3.08 -11.82
C PRO B 108 -12.78 -3.19 -12.81
N ALA B 109 -11.56 -3.46 -12.34
CA ALA B 109 -10.45 -3.72 -13.27
C ALA B 109 -10.48 -5.21 -13.63
N GLY B 110 -11.40 -5.55 -14.53
CA GLY B 110 -11.51 -6.90 -15.04
C GLY B 110 -12.60 -7.76 -14.44
N GLY B 111 -13.34 -7.27 -13.44
CA GLY B 111 -14.44 -8.04 -12.87
C GLY B 111 -13.98 -9.21 -12.01
N VAL B 112 -12.90 -9.04 -11.28
CA VAL B 112 -12.17 -10.15 -10.66
C VAL B 112 -12.63 -10.36 -9.23
N ASN B 113 -12.89 -11.62 -8.88
CA ASN B 113 -13.09 -11.99 -7.48
C ASN B 113 -11.72 -12.22 -6.85
N GLN B 114 -11.20 -11.17 -6.19
CA GLN B 114 -9.86 -11.25 -5.64
C GLN B 114 -9.81 -12.12 -4.40
N TRP B 115 -10.90 -12.18 -3.64
CA TRP B 115 -10.89 -13.03 -2.45
C TRP B 115 -10.66 -14.49 -2.85
N GLU B 116 -11.39 -14.96 -3.87
CA GLU B 116 -11.18 -16.31 -4.38
C GLU B 116 -9.73 -16.51 -4.85
N ASN B 117 -9.15 -15.52 -5.52
CA ASN B 117 -7.78 -15.69 -5.99
C ASN B 117 -6.78 -15.69 -4.85
N VAL B 118 -7.05 -14.93 -3.79
CA VAL B 118 -6.19 -14.97 -2.61
C VAL B 118 -6.24 -16.35 -1.96
N VAL B 119 -7.46 -16.91 -1.80
CA VAL B 119 -7.59 -18.24 -1.21
C VAL B 119 -6.88 -19.28 -2.07
N LYS B 120 -7.04 -19.20 -3.39
CA LYS B 120 -6.36 -20.13 -4.27
C LYS B 120 -4.84 -19.96 -4.19
N THR B 121 -4.37 -18.70 -4.19
CA THR B 121 -2.93 -18.43 -4.14
C THR B 121 -2.32 -19.01 -2.88
N LEU B 122 -2.97 -18.82 -1.73
CA LEU B 122 -2.44 -19.29 -0.46
C LEU B 122 -2.59 -20.80 -0.29
N THR B 123 -3.55 -21.41 -0.99
CA THR B 123 -3.66 -22.86 -0.96
C THR B 123 -2.56 -23.52 -1.79
N ASP B 124 -2.25 -22.95 -2.96
CA ASP B 124 -1.22 -23.52 -3.80
C ASP B 124 0.18 -23.25 -3.29
N ASP B 125 0.40 -22.11 -2.64
CA ASP B 125 1.70 -21.74 -2.09
C ASP B 125 1.49 -21.05 -0.75
N PRO B 126 1.49 -21.82 0.34
CA PRO B 126 1.20 -21.21 1.65
C PRO B 126 2.16 -20.09 2.04
N ASP B 127 3.40 -20.09 1.54
CA ASP B 127 4.37 -19.05 1.88
C ASP B 127 4.24 -17.79 1.01
N SER B 128 3.26 -17.75 0.13
CA SER B 128 3.19 -16.73 -0.92
C SER B 128 3.23 -15.31 -0.36
N LYS B 129 3.95 -14.45 -1.08
CA LYS B 129 3.96 -13.01 -0.84
C LYS B 129 2.99 -12.25 -1.74
N ARG B 130 2.20 -12.97 -2.55
CA ARG B 130 1.39 -12.38 -3.61
C ARG B 130 -0.08 -12.24 -3.24
N ALA B 131 -0.50 -12.67 -2.05
CA ALA B 131 -1.93 -12.77 -1.75
C ALA B 131 -2.47 -11.40 -1.34
N VAL B 132 -2.77 -10.60 -2.37
CA VAL B 132 -3.12 -9.19 -2.19
C VAL B 132 -4.49 -8.97 -2.81
N ILE B 133 -5.35 -8.26 -2.09
CA ILE B 133 -6.63 -7.78 -2.60
C ILE B 133 -6.48 -6.28 -2.86
N GLN B 134 -6.52 -5.88 -4.13
CA GLN B 134 -6.43 -4.46 -4.45
C GLN B 134 -7.79 -3.80 -4.29
N ILE B 135 -7.81 -2.60 -3.73
CA ILE B 135 -9.06 -1.86 -3.53
C ILE B 135 -9.14 -0.65 -4.46
N PHE B 136 -8.23 0.30 -4.31
CA PHE B 136 -8.14 1.48 -5.17
C PHE B 136 -8.10 1.10 -6.65
N ASP B 137 -8.57 2.01 -7.50
CA ASP B 137 -8.56 1.84 -8.95
C ASP B 137 -8.02 3.08 -9.63
N PRO B 138 -7.14 2.94 -10.64
CA PRO B 138 -6.52 4.13 -11.25
C PRO B 138 -7.51 5.06 -11.96
N ARG B 139 -8.70 4.60 -12.30
CA ARG B 139 -9.63 5.49 -12.98
C ARG B 139 -10.34 6.44 -12.02
N GLU B 140 -10.19 6.24 -10.72
CA GLU B 140 -10.90 7.09 -9.77
C GLU B 140 -10.44 8.54 -9.85
N LEU B 141 -9.18 8.78 -10.22
CA LEU B 141 -8.68 10.16 -10.32
C LEU B 141 -8.87 10.76 -11.70
N ALA B 142 -9.44 10.01 -12.64
CA ALA B 142 -9.42 10.46 -14.03
C ALA B 142 -10.44 11.53 -14.33
N VAL B 143 -11.44 11.73 -13.48
CA VAL B 143 -12.46 12.75 -13.67
C VAL B 143 -12.51 13.63 -12.44
N ALA B 144 -12.72 14.93 -12.66
CA ALA B 144 -12.71 15.88 -11.55
C ALA B 144 -14.00 15.78 -10.73
N ASP B 145 -13.93 16.33 -9.52
CA ASP B 145 -15.08 16.45 -8.61
C ASP B 145 -15.71 15.09 -8.30
N ASN B 146 -14.86 14.09 -8.10
CA ASN B 146 -15.29 12.80 -7.57
C ASN B 146 -15.41 12.93 -6.06
N ILE B 147 -16.60 12.71 -5.51
CA ILE B 147 -16.79 12.93 -4.08
C ILE B 147 -16.50 11.68 -3.23
N ASP B 148 -16.06 10.57 -3.85
CA ASP B 148 -15.93 9.30 -3.09
C ASP B 148 -14.85 8.45 -3.75
N VAL B 149 -13.58 8.79 -3.47
CA VAL B 149 -12.41 8.05 -3.99
C VAL B 149 -11.94 7.07 -2.92
N ALA B 150 -11.76 5.80 -3.28
CA ALA B 150 -11.32 4.81 -2.30
C ALA B 150 -10.05 5.28 -1.58
N CYS B 151 -10.03 5.14 -0.25
CA CYS B 151 -8.89 5.48 0.57
CA CYS B 151 -8.83 5.49 0.47
C CYS B 151 -8.04 4.27 0.95
N THR B 152 -8.53 3.05 0.72
CA THR B 152 -7.73 1.87 0.98
C THR B 152 -7.07 1.46 -0.32
N LEU B 153 -5.76 1.19 -0.27
CA LEU B 153 -5.04 0.75 -1.46
C LEU B 153 -5.16 -0.75 -1.66
N ALA B 154 -4.91 -1.53 -0.61
CA ALA B 154 -4.85 -2.98 -0.73
C ALA B 154 -4.90 -3.62 0.64
N LEU B 155 -5.32 -4.89 0.65
CA LEU B 155 -5.24 -5.76 1.83
C LEU B 155 -4.40 -6.96 1.45
N GLN B 156 -3.41 -7.30 2.27
CA GLN B 156 -2.54 -8.44 2.01
C GLN B 156 -2.70 -9.46 3.11
N PHE B 157 -2.67 -10.75 2.75
CA PHE B 157 -2.69 -11.83 3.71
C PHE B 157 -1.47 -12.71 3.53
N LEU B 158 -0.88 -13.15 4.66
CA LEU B 158 0.29 -14.00 4.66
C LEU B 158 0.08 -15.11 5.68
N ILE B 159 0.44 -16.32 5.33
CA ILE B 159 0.43 -17.45 6.25
C ILE B 159 1.84 -17.58 6.79
N ARG B 160 2.02 -17.33 8.08
CA ARG B 160 3.34 -17.42 8.71
C ARG B 160 3.19 -18.26 9.98
N ASP B 161 3.90 -19.39 10.01
CA ASP B 161 3.84 -20.32 11.13
C ASP B 161 2.42 -20.76 11.43
N GLY B 162 1.69 -21.13 10.37
CA GLY B 162 0.33 -21.62 10.48
C GLY B 162 -0.71 -20.58 10.85
N LEU B 163 -0.33 -19.30 10.90
CA LEU B 163 -1.25 -18.23 11.30
C LEU B 163 -1.45 -17.28 10.13
N LEU B 164 -2.67 -16.80 9.94
CA LEU B 164 -2.97 -15.85 8.88
C LEU B 164 -2.72 -14.45 9.41
N CYS B 165 -1.73 -13.77 8.84
CA CYS B 165 -1.41 -12.39 9.14
C CYS B 165 -2.05 -11.48 8.09
N GLY B 166 -2.40 -10.26 8.51
CA GLY B 166 -3.04 -9.30 7.64
C GLY B 166 -2.33 -7.97 7.63
N ILE B 167 -2.36 -7.31 6.48
CA ILE B 167 -1.80 -5.96 6.34
C ILE B 167 -2.78 -5.13 5.55
N GLY B 168 -3.21 -4.00 6.11
CA GLY B 168 -4.03 -3.05 5.42
C GLY B 168 -3.18 -1.85 5.02
N TYR B 169 -3.21 -1.53 3.72
CA TYR B 169 -2.50 -0.37 3.18
C TYR B 169 -3.52 0.68 2.78
N MET B 170 -3.44 1.87 3.36
CA MET B 170 -4.35 2.95 3.03
C MET B 170 -3.58 4.21 2.64
N ARG B 171 -4.16 5.00 1.71
CA ARG B 171 -3.52 6.27 1.38
C ARG B 171 -3.89 7.35 2.39
N ALA B 172 -4.99 7.15 3.12
CA ALA B 172 -5.51 8.15 4.03
C ALA B 172 -6.47 7.46 4.99
N ASN B 173 -6.53 7.96 6.22
CA ASN B 173 -7.41 7.37 7.22
C ASN B 173 -7.75 8.41 8.27
N ASP B 174 -9.04 8.57 8.54
CA ASP B 174 -9.54 9.37 9.65
C ASP B 174 -9.20 8.62 10.95
N ALA B 175 -8.22 9.14 11.70
CA ALA B 175 -7.74 8.46 12.90
C ALA B 175 -8.79 8.43 14.00
N PHE B 176 -9.76 9.33 13.95
CA PHE B 176 -10.72 9.37 15.05
C PHE B 176 -11.97 8.56 14.73
N ARG B 177 -12.56 8.76 13.55
CA ARG B 177 -13.80 8.07 13.24
C ARG B 177 -13.54 6.84 12.38
N GLY B 178 -13.21 7.06 11.10
CA GLY B 178 -13.11 5.96 10.16
C GLY B 178 -12.20 4.81 10.58
N ALA B 179 -11.08 5.12 11.27
CA ALA B 179 -10.17 4.05 11.63
C ALA B 179 -10.84 3.00 12.50
N VAL B 180 -11.83 3.40 13.31
CA VAL B 180 -12.52 2.44 14.17
C VAL B 180 -13.19 1.38 13.32
N SER B 181 -13.93 1.78 12.28
CA SER B 181 -14.61 0.78 11.47
C SER B 181 -13.71 0.14 10.42
N ASP B 182 -12.69 0.85 9.93
CA ASP B 182 -11.78 0.25 8.95
C ASP B 182 -10.97 -0.89 9.57
N VAL B 183 -10.38 -0.67 10.75
CA VAL B 183 -9.62 -1.73 11.38
C VAL B 183 -10.56 -2.88 11.78
N PHE B 184 -11.76 -2.55 12.27
CA PHE B 184 -12.74 -3.61 12.55
C PHE B 184 -12.96 -4.47 11.31
N SER B 185 -13.29 -3.82 10.18
CA SER B 185 -13.62 -4.57 8.96
C SER B 185 -12.43 -5.35 8.43
N PHE B 186 -11.23 -4.77 8.45
CA PHE B 186 -10.10 -5.47 7.86
C PHE B 186 -9.71 -6.68 8.70
N THR B 187 -9.72 -6.53 10.03
CA THR B 187 -9.41 -7.68 10.89
C THR B 187 -10.56 -8.68 10.92
N PHE B 188 -11.79 -8.23 10.67
CA PHE B 188 -12.90 -9.17 10.49
C PHE B 188 -12.70 -10.01 9.24
N LEU B 189 -12.32 -9.35 8.12
CA LEU B 189 -12.06 -10.11 6.90
C LEU B 189 -10.87 -11.05 7.09
N GLN B 190 -9.85 -10.59 7.82
CA GLN B 190 -8.71 -11.46 8.14
C GLN B 190 -9.14 -12.70 8.91
N GLU B 191 -9.93 -12.52 9.97
CA GLU B 191 -10.38 -13.67 10.76
C GLU B 191 -11.27 -14.59 9.94
N PHE B 192 -12.24 -14.01 9.21
CA PHE B 192 -13.11 -14.79 8.34
C PHE B 192 -12.30 -15.65 7.37
N THR B 193 -11.27 -15.08 6.76
CA THR B 193 -10.46 -15.81 5.80
C THR B 193 -9.63 -16.89 6.50
N ALA B 194 -9.10 -16.58 7.67
CA ALA B 194 -8.34 -17.57 8.43
C ALA B 194 -9.23 -18.76 8.81
N ARG B 195 -10.44 -18.49 9.28
CA ARG B 195 -11.35 -19.60 9.59
C ARG B 195 -11.62 -20.43 8.35
N TYR B 196 -11.87 -19.78 7.21
CA TYR B 196 -12.12 -20.50 5.97
C TYR B 196 -10.96 -21.41 5.60
N LEU B 197 -9.73 -20.94 5.81
CA LEU B 197 -8.52 -21.71 5.49
C LEU B 197 -8.14 -22.68 6.59
N GLY B 198 -8.89 -22.71 7.70
CA GLY B 198 -8.54 -23.58 8.80
C GLY B 198 -7.31 -23.16 9.58
N LEU B 199 -7.01 -21.86 9.62
CA LEU B 199 -5.80 -21.35 10.25
C LEU B 199 -6.11 -20.56 11.50
N GLY B 200 -5.10 -20.41 12.36
CA GLY B 200 -5.19 -19.48 13.47
C GLY B 200 -4.92 -18.05 13.01
N ILE B 201 -5.06 -17.10 13.94
CA ILE B 201 -4.92 -15.67 13.63
C ILE B 201 -3.53 -15.21 14.07
N GLY B 202 -2.83 -14.56 13.16
CA GLY B 202 -1.53 -13.94 13.44
C GLY B 202 -1.68 -12.47 13.76
N THR B 203 -0.73 -11.67 13.28
CA THR B 203 -0.73 -10.24 13.55
C THR B 203 -1.54 -9.50 12.47
N TYR B 204 -1.87 -8.24 12.78
CA TYR B 204 -2.41 -7.31 11.79
C TYR B 204 -1.56 -6.05 11.78
N HIS B 205 -1.15 -5.62 10.58
CA HIS B 205 -0.44 -4.35 10.40
C HIS B 205 -1.34 -3.37 9.67
N HIS B 206 -1.38 -2.13 10.15
CA HIS B 206 -2.10 -1.05 9.51
C HIS B 206 -1.07 -0.02 9.09
N VAL B 207 -1.07 0.38 7.82
CA VAL B 207 -0.14 1.43 7.39
C VAL B 207 -0.88 2.43 6.50
N VAL B 208 -0.68 3.72 6.78
CA VAL B 208 -1.52 4.78 6.21
C VAL B 208 -0.64 5.94 5.77
N GLY B 209 -0.86 6.42 4.55
CA GLY B 209 -0.13 7.58 4.07
C GLY B 209 -0.39 8.85 4.86
N SER B 210 -1.66 9.25 4.95
CA SER B 210 -2.07 10.43 5.71
C SER B 210 -3.05 9.97 6.78
N VAL B 211 -2.64 10.07 8.04
CA VAL B 211 -3.55 9.82 9.17
C VAL B 211 -3.89 11.17 9.80
N HIS B 212 -5.16 11.39 10.10
CA HIS B 212 -5.54 12.75 10.46
C HIS B 212 -6.74 12.77 11.40
N ILE B 213 -6.82 13.86 12.16
CA ILE B 213 -8.00 14.21 12.93
C ILE B 213 -8.58 15.48 12.34
N TYR B 214 -9.81 15.41 11.86
CA TYR B 214 -10.48 16.60 11.35
C TYR B 214 -10.73 17.58 12.49
N ASP B 215 -10.51 18.86 12.20
CA ASP B 215 -10.71 19.90 13.20
C ASP B 215 -12.15 19.92 13.70
N SER B 216 -13.11 19.58 12.84
CA SER B 216 -14.51 19.52 13.26
C SER B 216 -14.78 18.42 14.30
N ASP B 217 -13.88 17.45 14.44
CA ASP B 217 -13.98 16.40 15.45
C ASP B 217 -13.16 16.68 16.70
N ALA B 218 -12.46 17.81 16.76
CA ALA B 218 -11.49 18.02 17.84
C ALA B 218 -12.16 17.97 19.20
N ARG B 219 -13.35 18.55 19.33
CA ARG B 219 -14.02 18.57 20.63
C ARG B 219 -14.33 17.15 21.11
N TRP B 220 -14.88 16.32 20.21
CA TRP B 220 -15.17 14.94 20.56
C TRP B 220 -13.88 14.16 20.83
N ALA B 221 -12.85 14.36 20.00
CA ALA B 221 -11.58 13.67 20.23
C ALA B 221 -10.96 14.06 21.56
N GLU B 222 -11.11 15.32 21.96
CA GLU B 222 -10.61 15.74 23.26
C GLU B 222 -11.35 15.02 24.38
N ARG B 223 -12.67 14.91 24.26
CA ARG B 223 -13.43 14.17 25.27
C ARG B 223 -12.97 12.72 25.35
N VAL B 224 -12.72 12.09 24.20
CA VAL B 224 -12.21 10.73 24.21
C VAL B 224 -10.84 10.68 24.88
N LEU B 225 -9.96 11.64 24.55
CA LEU B 225 -8.64 11.67 25.18
C LEU B 225 -8.72 11.94 26.68
N ASP B 226 -9.73 12.70 27.12
CA ASP B 226 -9.87 12.99 28.56
C ASP B 226 -10.38 11.80 29.36
N ALA B 227 -10.98 10.82 28.70
CA ALA B 227 -11.56 9.68 29.42
C ALA B 227 -10.48 8.85 30.13
N PRO B 236 -13.28 -7.33 29.04
CA PRO B 236 -14.27 -8.03 28.22
C PRO B 236 -13.72 -8.32 26.82
N GLY B 237 -13.69 -9.60 26.45
CA GLY B 237 -13.09 -9.99 25.19
C GLY B 237 -14.09 -10.05 24.04
N PHE B 238 -13.62 -9.65 22.88
CA PHE B 238 -14.42 -9.81 21.67
C PHE B 238 -14.49 -11.29 21.31
N PRO B 239 -15.66 -11.82 20.98
CA PRO B 239 -15.78 -13.26 20.74
C PRO B 239 -15.14 -13.68 19.42
N ALA B 240 -14.71 -14.94 19.37
CA ALA B 240 -14.05 -15.50 18.20
C ALA B 240 -15.07 -16.06 17.22
N MET B 241 -14.85 -15.77 15.94
CA MET B 241 -15.67 -16.33 14.88
C MET B 241 -15.43 -17.84 14.78
N PRO B 242 -16.47 -18.63 14.52
CA PRO B 242 -16.29 -20.09 14.53
C PRO B 242 -15.44 -20.58 13.37
N ASP B 243 -14.80 -21.72 13.60
CA ASP B 243 -13.93 -22.34 12.62
C ASP B 243 -14.69 -22.75 11.36
N GLY B 244 -13.95 -22.84 10.27
CA GLY B 244 -14.50 -23.35 9.03
C GLY B 244 -15.03 -22.26 8.12
N ASP B 245 -15.79 -22.72 7.14
CA ASP B 245 -16.39 -21.85 6.13
C ASP B 245 -17.61 -21.18 6.72
N ASN B 246 -17.54 -19.87 6.94
CA ASN B 246 -18.66 -19.14 7.48
C ASN B 246 -19.56 -18.54 6.42
N TRP B 247 -19.28 -18.76 5.14
CA TRP B 247 -20.16 -18.22 4.09
C TRP B 247 -21.61 -18.64 4.25
N PRO B 248 -21.95 -19.92 4.50
CA PRO B 248 -23.38 -20.25 4.66
C PRO B 248 -24.04 -19.47 5.78
N HIS B 249 -23.33 -19.27 6.89
CA HIS B 249 -23.86 -18.48 7.99
C HIS B 249 -24.03 -17.02 7.59
N VAL B 250 -23.04 -16.45 6.89
CA VAL B 250 -23.15 -15.07 6.44
C VAL B 250 -24.38 -14.89 5.55
N ARG B 251 -24.63 -15.86 4.66
CA ARG B 251 -25.79 -15.75 3.78
C ARG B 251 -27.08 -15.68 4.58
N ARG B 252 -27.19 -16.50 5.63
CA ARG B 252 -28.39 -16.49 6.47
C ARG B 252 -28.49 -15.19 7.26
N VAL B 253 -27.35 -14.72 7.79
CA VAL B 253 -27.32 -13.47 8.52
C VAL B 253 -27.77 -12.33 7.62
N LEU B 254 -27.35 -12.35 6.36
CA LEU B 254 -27.75 -11.29 5.45
C LEU B 254 -29.23 -11.36 5.11
N GLU B 255 -29.81 -12.57 5.09
CA GLU B 255 -31.25 -12.68 4.91
C GLU B 255 -31.99 -12.01 6.06
N TRP B 256 -31.53 -12.25 7.29
CA TRP B 256 -32.16 -11.61 8.45
C TRP B 256 -31.89 -10.11 8.46
N GLU B 257 -30.70 -9.69 8.04
CA GLU B 257 -30.37 -8.26 8.03
C GLU B 257 -31.38 -7.47 7.23
N GLU B 258 -31.77 -7.99 6.06
CA GLU B 258 -32.69 -7.26 5.20
C GLU B 258 -34.11 -7.29 5.75
N ARG B 259 -34.55 -8.44 6.25
CA ARG B 259 -35.89 -8.55 6.84
C ARG B 259 -36.04 -7.63 8.04
N LEU B 260 -34.99 -7.51 8.87
CA LEU B 260 -35.07 -6.67 10.06
C LEU B 260 -34.95 -5.19 9.71
N ARG B 261 -34.02 -4.84 8.81
CA ARG B 261 -33.84 -3.45 8.40
C ARG B 261 -35.13 -2.87 7.80
N THR B 262 -35.87 -3.68 7.02
CA THR B 262 -37.11 -3.23 6.41
C THR B 262 -38.32 -3.45 7.30
N ASN B 263 -38.10 -3.85 8.56
CA ASN B 263 -39.18 -4.09 9.52
C ASN B 263 -40.21 -5.08 8.99
N ALA B 264 -39.77 -5.99 8.11
CA ALA B 264 -40.63 -7.06 7.62
C ALA B 264 -40.75 -8.20 8.61
N ALA B 265 -39.86 -8.28 9.59
CA ALA B 265 -39.93 -9.31 10.61
C ALA B 265 -39.35 -8.76 11.90
N ARG B 266 -39.68 -9.45 13.00
CA ARG B 266 -39.12 -9.17 14.32
C ARG B 266 -38.73 -10.49 14.96
N LEU B 267 -37.72 -10.44 15.82
CA LEU B 267 -37.23 -11.63 16.50
C LEU B 267 -37.27 -11.42 18.01
N SER B 268 -38.08 -12.20 18.70
CA SER B 268 -38.05 -12.24 20.15
C SER B 268 -36.77 -12.92 20.62
N ALA B 269 -36.46 -12.76 21.91
CA ALA B 269 -35.30 -13.42 22.49
C ALA B 269 -35.33 -14.93 22.26
N ASP B 270 -36.52 -15.54 22.38
CA ASP B 270 -36.62 -16.97 22.12
C ASP B 270 -36.54 -17.28 20.63
N ALA B 271 -37.04 -16.39 19.77
CA ALA B 271 -36.90 -16.60 18.33
C ALA B 271 -35.44 -16.52 17.89
N LEU B 272 -34.64 -15.68 18.56
CA LEU B 272 -33.22 -15.60 18.24
C LEU B 272 -32.48 -16.86 18.66
N ASP B 273 -32.80 -17.40 19.84
CA ASP B 273 -32.12 -18.61 20.30
C ASP B 273 -32.45 -19.82 19.44
N ALA B 274 -33.58 -19.79 18.74
CA ALA B 274 -34.01 -20.89 17.89
C ALA B 274 -33.46 -20.81 16.48
N LEU B 275 -32.76 -19.74 16.13
CA LEU B 275 -32.18 -19.61 14.80
C LEU B 275 -31.21 -20.76 14.54
N ASP B 276 -31.17 -21.20 13.28
CA ASP B 276 -30.28 -22.27 12.86
C ASP B 276 -28.93 -21.67 12.48
N LEU B 277 -28.24 -21.16 13.49
CA LEU B 277 -26.95 -20.48 13.33
C LEU B 277 -26.06 -20.81 14.52
N PRO B 278 -24.74 -20.80 14.32
CA PRO B 278 -23.82 -20.86 15.47
C PRO B 278 -24.06 -19.67 16.37
N ALA B 279 -23.78 -19.86 17.67
CA ALA B 279 -24.06 -18.82 18.66
C ALA B 279 -23.45 -17.48 18.26
N TYR B 280 -22.23 -17.50 17.72
CA TYR B 280 -21.57 -16.26 17.30
C TYR B 280 -22.45 -15.45 16.34
N TRP B 281 -23.05 -16.11 15.35
CA TRP B 281 -23.84 -15.39 14.36
C TRP B 281 -25.24 -15.10 14.87
N LYS B 282 -25.76 -15.91 15.80
CA LYS B 282 -27.01 -15.55 16.46
C LYS B 282 -26.87 -14.18 17.14
N HIS B 283 -25.74 -13.94 17.79
CA HIS B 283 -25.55 -12.66 18.47
C HIS B 283 -25.52 -11.51 17.47
N VAL B 284 -24.98 -11.73 16.27
CA VAL B 284 -24.97 -10.68 15.26
C VAL B 284 -26.39 -10.34 14.80
N VAL B 285 -27.21 -11.36 14.54
CA VAL B 285 -28.60 -11.10 14.17
C VAL B 285 -29.33 -10.41 15.31
N ALA B 286 -29.00 -10.75 16.56
CA ALA B 286 -29.60 -10.07 17.71
C ALA B 286 -29.24 -8.59 17.70
N LEU B 287 -28.01 -8.25 17.30
CA LEU B 287 -27.65 -6.84 17.17
C LEU B 287 -28.55 -6.15 16.16
N PHE B 288 -28.85 -6.82 15.07
CA PHE B 288 -29.73 -6.23 14.06
C PHE B 288 -31.17 -6.10 14.59
N GLU B 289 -31.65 -7.08 15.37
CA GLU B 289 -32.98 -6.91 15.97
C GLU B 289 -33.00 -5.74 16.96
N ALA B 290 -31.94 -5.60 17.77
CA ALA B 290 -31.87 -4.44 18.66
C ALA B 290 -31.88 -3.13 17.88
N HIS B 291 -31.14 -3.09 16.77
CA HIS B 291 -31.10 -1.89 15.93
C HIS B 291 -32.46 -1.62 15.30
N ARG B 292 -33.20 -2.69 14.94
CA ARG B 292 -34.55 -2.53 14.43
C ARG B 292 -35.45 -1.88 15.47
N GLN B 293 -35.31 -2.28 16.73
CA GLN B 293 -36.08 -1.65 17.80
C GLN B 293 -35.81 -0.15 17.87
N VAL B 294 -34.56 0.27 17.68
CA VAL B 294 -34.24 1.69 17.68
C VAL B 294 -34.86 2.38 16.48
N ARG B 295 -34.57 1.86 15.27
CA ARG B 295 -34.92 2.57 14.05
C ARG B 295 -36.41 2.59 13.79
N HIS B 296 -37.12 1.53 14.18
CA HIS B 296 -38.55 1.42 13.94
C HIS B 296 -39.37 1.62 15.19
N GLU B 297 -38.75 2.18 16.25
CA GLU B 297 -39.43 2.59 17.47
C GLU B 297 -40.27 1.46 18.09
N ASP B 298 -39.59 0.35 18.36
CA ASP B 298 -40.23 -0.79 19.01
C ASP B 298 -39.64 -1.00 20.39
N THR B 299 -40.37 -1.76 21.20
CA THR B 299 -40.05 -1.96 22.61
C THR B 299 -38.65 -2.53 22.80
N PRO B 300 -37.76 -1.85 23.50
CA PRO B 300 -36.45 -2.46 23.81
C PRO B 300 -36.65 -3.75 24.58
N ASP B 301 -35.97 -4.80 24.13
CA ASP B 301 -36.09 -6.14 24.73
C ASP B 301 -34.94 -6.35 25.71
N ARG B 302 -35.26 -6.38 27.00
CA ARG B 302 -34.23 -6.58 28.02
C ARG B 302 -33.61 -7.97 27.92
N ALA B 303 -34.41 -8.97 27.58
CA ALA B 303 -33.91 -10.34 27.50
C ALA B 303 -32.92 -10.51 26.35
N LEU B 304 -33.20 -9.89 25.19
CA LEU B 304 -32.21 -9.88 24.11
C LEU B 304 -30.88 -9.38 24.61
N LEU B 305 -30.90 -8.24 25.30
CA LEU B 305 -29.69 -7.59 25.77
C LEU B 305 -28.91 -8.50 26.71
N ALA B 306 -29.60 -9.16 27.65
CA ALA B 306 -28.90 -9.96 28.65
C ALA B 306 -28.19 -11.17 28.05
N ALA B 307 -28.65 -11.67 26.91
CA ALA B 307 -28.05 -12.84 26.27
C ALA B 307 -26.86 -12.50 25.38
N LEU B 308 -26.53 -11.23 25.20
CA LEU B 308 -25.43 -10.85 24.33
C LEU B 308 -24.08 -10.99 25.04
N PRO B 309 -22.99 -11.15 24.26
CA PRO B 309 -21.66 -11.00 24.85
C PRO B 309 -21.51 -9.64 25.50
N GLU B 310 -20.71 -9.61 26.58
CA GLU B 310 -20.54 -8.38 27.35
C GLU B 310 -20.08 -7.22 26.50
N VAL B 311 -19.17 -7.48 25.54
CA VAL B 311 -18.67 -6.41 24.67
C VAL B 311 -19.82 -5.77 23.91
N TYR B 312 -20.79 -6.57 23.47
CA TYR B 312 -21.89 -6.01 22.69
C TYR B 312 -22.88 -5.29 23.57
N ARG B 313 -23.14 -5.82 24.78
CA ARG B 313 -24.06 -5.15 25.69
C ARG B 313 -23.55 -3.75 26.02
N GLN B 314 -22.24 -3.62 26.25
CA GLN B 314 -21.67 -2.32 26.60
C GLN B 314 -21.77 -1.35 25.44
N SER B 315 -21.57 -1.82 24.22
CA SER B 315 -21.68 -0.94 23.07
C SER B 315 -23.11 -0.41 22.91
N LEU B 316 -24.10 -1.30 23.03
CA LEU B 316 -25.49 -0.87 22.91
C LEU B 316 -25.89 0.07 24.04
N ALA B 317 -25.46 -0.23 25.26
CA ALA B 317 -25.86 0.58 26.41
C ALA B 317 -25.31 1.99 26.35
N VAL B 318 -24.10 2.14 25.79
CA VAL B 318 -23.49 3.47 25.70
C VAL B 318 -24.04 4.23 24.49
N LYS B 319 -24.25 3.52 23.38
CA LYS B 319 -24.68 4.18 22.15
C LYS B 319 -26.15 4.59 22.22
N TRP B 320 -27.01 3.74 22.78
CA TRP B 320 -28.44 4.03 22.87
C TRP B 320 -28.88 3.85 24.33
N PRO B 321 -28.46 4.77 25.21
CA PRO B 321 -28.66 4.54 26.64
C PRO B 321 -30.12 4.55 27.06
N GLY B 322 -30.99 5.21 26.31
CA GLY B 322 -32.41 5.19 26.63
C GLY B 322 -33.08 3.88 26.29
N HIS B 323 -32.50 3.11 25.35
CA HIS B 323 -33.02 1.80 24.98
C HIS B 323 -32.39 0.67 25.78
N PHE B 324 -31.07 0.71 26.00
CA PHE B 324 -30.31 -0.45 26.44
C PHE B 324 -29.43 -0.16 27.66
N GLY B 325 -29.54 1.00 28.26
CA GLY B 325 -28.70 1.37 29.39
C GLY B 325 -29.21 0.88 30.74
O3P C5P C . 6.09 -12.42 -6.77
P C5P C . 6.96 -12.77 -5.71
O1P C5P C . 6.91 -11.87 -4.61
O2P C5P C . 6.92 -14.15 -5.37
O5' C5P C . 8.44 -12.68 -6.26
C5' C5P C . 8.97 -11.50 -6.76
C4' C5P C . 10.11 -10.95 -5.91
O4' C5P C . 10.98 -10.16 -6.69
C3' C5P C . 9.65 -10.06 -4.79
O3' C5P C . 9.21 -10.81 -3.68
C2' C5P C . 10.89 -9.26 -4.53
O2' C5P C . 11.80 -10.11 -3.87
C1' C5P C . 11.48 -9.07 -5.94
N1 C5P C . 11.27 -7.77 -6.59
C2 C5P C . 11.66 -6.60 -5.96
N3 C5P C . 11.48 -5.44 -6.63
C4 C5P C . 10.95 -5.39 -7.88
C5 C5P C . 10.57 -6.55 -8.49
C6 C5P C . 10.74 -7.75 -7.82
O2 C5P C . 12.17 -6.65 -4.85
N4 C5P C . 10.76 -4.22 -8.53
O3P C5P D . -9.84 13.53 0.39
P C5P D . -10.06 12.10 0.53
O1P C5P D . -9.03 11.41 1.26
O2P C5P D . -10.52 11.35 -0.63
O5' C5P D . -11.25 12.07 1.54
C5' C5P D . -11.74 10.88 2.09
C4' C5P D . -11.49 10.72 3.58
O4' C5P D . -12.48 9.92 4.19
C3' C5P D . -10.15 10.09 3.93
O3' C5P D . -9.11 11.04 3.86
C2' C5P D . -10.45 9.59 5.31
O2' C5P D . -10.40 10.70 6.21
C1' C5P D . -11.92 9.16 5.24
N1 C5P D . -12.18 7.71 5.10
C2 C5P D . -11.68 6.75 6.00
N3 C5P D . -11.99 5.44 5.83
C4 C5P D . -12.80 5.03 4.82
C5 C5P D . -13.31 5.95 3.94
C6 C5P D . -12.98 7.28 4.12
O2 C5P D . -10.98 7.11 6.94
N4 C5P D . -13.11 3.73 4.65
#